data_8IOC
#
_entry.id   8IOC
#
_cell.length_a   1.00
_cell.length_b   1.00
_cell.length_c   1.00
_cell.angle_alpha   90.00
_cell.angle_beta   90.00
_cell.angle_gamma   90.00
#
_symmetry.space_group_name_H-M   'P 1'
#
loop_
_entity.id
_entity.type
_entity.pdbx_description
1 polymer 'Guanine nucleotide-binding protein G(i) subunit alpha-1,Guanine nucleotide-binding protein G(s) subunit alpha isoforms short'
2 polymer 'Guanine nucleotide-binding protein G(I)/G(S)/G(T) subunit beta-1,HiBiT'
3 polymer 'HA signal peptide,Melanocortin receptor 3,LgBiT subunit'
4 polymer 'Guanine nucleotide-binding protein G(I)/G(S)/G(O) subunit gamma-2'
5 polymer 'gamma-melanocyte-stimulating hormone'
6 polymer Nanobody-35
7 non-polymer 'CALCIUM ION'
#
loop_
_entity_poly.entity_id
_entity_poly.type
_entity_poly.pdbx_seq_one_letter_code
_entity_poly.pdbx_strand_id
1 'polypeptide(L)'
;MGCTLSAEDKAAVERSKMIEKQLQKDKQVYRATHRLLLLGADNSGKSTIVKQMRIYHVNGYSEEECKQYKAVVYSNTIQS
IIAIIRAMGRLKIDFGDSARADDARQLFVLAGAAEEGFMTAELAGVIKRLWKDSGVQACFNRSREYQLNDSAAYYLNDLD
RIAQPNYIPTQQDVLRTRVKTSGIFETKFQVDKVNFHMFDVGAQRDERRKWIQCFNDVTAIIFVVDSSDYNRLQEALNDF
KSIWNNRWLRTISVILFLNKQDLLAEKVLAGKSKIEDYFPEFARYTTPEDATPEPGEDPRVTRAKYFIRDEFLRISTASG
DGRHYCYPHFTCSVDTENARRIFNDCRDIIQRMHLRQYELL
;
A
2 'polypeptide(L)'
;MGSLLQSELDQLRQEAEQLKNQIRDARKACADATLSQITNNIDPVGRIQMRTRRTLRGHLAKIYAMHWGTDSRLLVSASQ
DGKLIIWDSYTTNKVHAIPLRSSWVMTCAYAPSGNYVACGGLDNICSIYNLKTREGNVRVSRELAGHTGYLSCCRFLDDN
QIVTSSGDTTCALWDIETGQQTTTFTGHTGDVMSLSLAPDTRLFVSGACDASAKLWDVREGMCRQTFTGHESDINAICFF
PNGNAFATGSDDATCRLFDLRADQELMTYSHDNIICGITSVSFSKSGRLLLAGYDDFNCNVWDALKADRAGVLAGHDNRV
SCLGVTDDGMAVATGSWDSFLKIWNGSSGGGGSGGGGSSGVSGWRLFKKIS
;
B
3 'polypeptide(L)'
;MKTIIALSYIFCLVFANASCCLPSVQPTLPNGSEHLQAPFFSNQSSSAFCEQVFIKPEVFLSLGIVSLLENILVILAVVR
NGNLHSPMYFFLCSLAVADMLVSVSNALETIMIAIVHSDYLTFEDQFIQHMDNIFDSMICISLVASICNLLAIAVDRYVT
IFYALRYHSIMTVRKALTLIVAIWVCCGVCGVVFIVYSESKMVIVCLITMFFAMMLLMGTLYVHMFLFARLHVKRIAALP
PADGVAPQQHSCMKGAVTITILLGVFIFCWAPFFLHLVLIITCPTNPYCICYTAHFNTYLVLIMCNSVIDPLIYAFRSLE
LRNTFREILCGCNGMNLGGSSGGGGSGGGGSSGVFTLEDFVGDWEQTAAYNLDQVLEQGGVSSLLQNLAVSVTPIQRIVR
SGENALKIDIHVIIPYEGLSADQMAQIEEVFKVVYPVDDHHFKVILPYGTLVIDGVTPNMLNYFGRPYEGIAVFDGKKIT
VTGTLWNGNKIIDERLITPDGSMLFRVTINS
;
R
4 'polypeptide(L)' MASNNTASIAQARKLVEQLKMEANIDRIKVSKAAADLMAYCEAHAKEDPLLTPVPASENPFREKKFFCAIL G
5 'polypeptide(L)' YVMGHFRWDRF L
6 'polypeptide(L)'
;MKYLLPTAAAGLLLLAAQPAMAQVQLQESGGGLVQPGGSLRLSCAASGFTFSNYKMNWVRQAPGKGLEWVSDISQSGASI
SYTGSVKGRFTISRDNAKNTLYLQMNSLKPEDTAVYYCARCPAPFTRDCFDVTSTTYAYRGQGTQVTVSSHHHHHHEPEA
;
N
#
# COMPACT_ATOMS: atom_id res chain seq x y z
N LEU A 5 40.84 -0.59 0.05
CA LEU A 5 40.77 0.61 0.88
C LEU A 5 41.58 1.74 0.28
N SER A 6 41.26 2.12 -0.95
CA SER A 6 41.99 3.19 -1.62
C SER A 6 41.47 4.55 -1.16
N ALA A 7 41.90 5.61 -1.83
CA ALA A 7 41.29 6.91 -1.61
C ALA A 7 39.93 7.02 -2.29
N GLU A 8 39.71 6.24 -3.35
CA GLU A 8 38.41 6.23 -4.02
C GLU A 8 37.34 5.70 -3.09
N ASP A 9 37.63 4.63 -2.35
CA ASP A 9 36.66 4.12 -1.37
C ASP A 9 36.42 5.12 -0.25
N LYS A 10 37.44 5.86 0.15
CA LYS A 10 37.26 6.88 1.17
C LYS A 10 36.32 7.96 0.68
N ALA A 11 36.53 8.45 -0.54
CA ALA A 11 35.63 9.45 -1.10
C ALA A 11 34.22 8.91 -1.25
N ALA A 12 34.10 7.64 -1.63
CA ALA A 12 32.77 7.04 -1.78
C ALA A 12 32.03 6.97 -0.47
N VAL A 13 32.72 6.55 0.61
CA VAL A 13 32.03 6.46 1.89
C VAL A 13 31.75 7.85 2.43
N GLU A 14 32.61 8.83 2.14
CA GLU A 14 32.29 10.20 2.53
C GLU A 14 31.04 10.70 1.81
N ARG A 15 30.91 10.40 0.52
CA ARG A 15 29.71 10.78 -0.22
C ARG A 15 28.48 10.08 0.35
N SER A 16 28.59 8.79 0.64
CA SER A 16 27.45 8.07 1.22
C SER A 16 27.05 8.66 2.56
N LYS A 17 28.03 9.05 3.37
CA LYS A 17 27.73 9.61 4.68
C LYS A 17 27.04 10.95 4.56
N MET A 18 27.54 11.83 3.68
CA MET A 18 26.88 13.12 3.50
C MET A 18 25.47 12.95 2.95
N ILE A 19 25.28 12.03 2.01
CA ILE A 19 23.96 11.78 1.46
C ILE A 19 23.01 11.22 2.52
N GLU A 20 23.51 10.33 3.38
CA GLU A 20 22.64 9.82 4.43
C GLU A 20 22.32 10.90 5.46
N LYS A 21 23.24 11.84 5.67
CA LYS A 21 22.94 12.98 6.53
C LYS A 21 21.78 13.78 5.98
N GLN A 22 21.82 14.07 4.67
CA GLN A 22 20.72 14.80 4.04
C GLN A 22 19.43 13.99 4.09
N LEU A 23 19.53 12.68 3.91
CA LEU A 23 18.35 11.84 3.97
C LEU A 23 17.69 11.88 5.34
N GLN A 24 18.49 11.87 6.42
CA GLN A 24 17.91 11.94 7.76
C GLN A 24 17.27 13.31 8.00
N LYS A 25 17.98 14.37 7.63
CA LYS A 25 17.42 15.71 7.80
C LYS A 25 16.15 15.89 7.00
N ASP A 26 16.00 15.17 5.89
CA ASP A 26 14.77 15.24 5.11
C ASP A 26 13.69 14.33 5.65
N LYS A 27 14.07 13.20 6.24
CA LYS A 27 13.08 12.31 6.86
C LYS A 27 12.39 12.99 8.01
N GLN A 28 13.13 13.80 8.77
CA GLN A 28 12.51 14.51 9.87
C GLN A 28 11.37 15.40 9.38
N VAL A 29 11.57 16.10 8.27
CA VAL A 29 10.52 16.94 7.70
C VAL A 29 9.41 16.08 7.10
N TYR A 30 9.77 14.98 6.46
CA TYR A 30 8.77 14.17 5.76
C TYR A 30 7.78 13.55 6.73
N ARG A 31 8.27 12.89 7.78
CA ARG A 31 7.37 12.22 8.71
C ARG A 31 6.60 13.18 9.60
N ALA A 32 6.96 14.46 9.60
CA ALA A 32 6.28 15.46 10.40
C ALA A 32 5.22 16.21 9.61
N THR A 33 4.86 15.74 8.42
CA THR A 33 3.80 16.33 7.62
C THR A 33 2.75 15.28 7.31
N HIS A 34 1.54 15.76 7.01
CA HIS A 34 0.40 14.93 6.66
C HIS A 34 -0.05 15.28 5.26
N ARG A 35 -0.23 14.27 4.42
CA ARG A 35 -0.59 14.47 3.03
C ARG A 35 -2.06 14.13 2.82
N LEU A 36 -2.76 15.01 2.11
CA LEU A 36 -4.19 14.91 1.89
C LEU A 36 -4.49 14.96 0.41
N LEU A 37 -5.40 14.10 -0.04
CA LEU A 37 -5.78 14.09 -1.45
C LEU A 37 -7.16 14.72 -1.60
N LEU A 38 -7.25 15.77 -2.39
CA LEU A 38 -8.49 16.52 -2.54
C LEU A 38 -9.16 16.10 -3.85
N LEU A 39 -10.37 15.58 -3.74
CA LEU A 39 -11.12 15.09 -4.89
C LEU A 39 -12.49 15.76 -4.92
N GLY A 40 -13.06 15.78 -6.12
CA GLY A 40 -14.34 16.41 -6.35
C GLY A 40 -14.68 16.44 -7.82
N ALA A 41 -15.51 17.38 -8.24
CA ALA A 41 -15.87 17.52 -9.63
C ALA A 41 -15.87 19.01 -9.99
N ASP A 42 -16.29 19.30 -11.21
CA ASP A 42 -16.32 20.68 -11.68
C ASP A 42 -17.32 21.51 -10.89
N ASN A 43 -18.53 20.99 -10.69
CA ASN A 43 -19.59 21.77 -10.07
C ASN A 43 -19.34 22.02 -8.59
N SER A 44 -18.44 21.26 -7.97
CA SER A 44 -18.12 21.47 -6.57
C SER A 44 -17.28 22.73 -6.40
N GLY A 45 -17.34 23.29 -5.19
CA GLY A 45 -16.59 24.49 -4.89
C GLY A 45 -15.17 24.17 -4.46
N LYS A 46 -14.57 23.21 -5.15
CA LYS A 46 -13.24 22.74 -4.79
C LYS A 46 -12.19 23.83 -4.98
N SER A 47 -12.25 24.54 -6.09
CA SER A 47 -11.33 25.66 -6.32
C SER A 47 -11.53 26.73 -5.26
N THR A 48 -12.77 27.00 -4.87
CA THR A 48 -13.02 27.97 -3.82
C THR A 48 -12.48 27.49 -2.48
N ILE A 49 -12.58 26.19 -2.20
CA ILE A 49 -12.01 25.67 -0.96
C ILE A 49 -10.50 25.87 -0.95
N VAL A 50 -9.84 25.59 -2.08
CA VAL A 50 -8.40 25.77 -2.15
C VAL A 50 -8.03 27.24 -1.99
N LYS A 51 -8.74 28.13 -2.69
CA LYS A 51 -8.37 29.53 -2.73
C LYS A 51 -8.62 30.21 -1.38
N GLN A 52 -9.80 30.02 -0.81
CA GLN A 52 -10.12 30.66 0.45
C GLN A 52 -9.33 30.09 1.62
N MET A 53 -8.66 28.95 1.42
CA MET A 53 -7.85 28.34 2.45
C MET A 53 -6.39 28.80 2.38
N ARG A 54 -6.04 29.57 1.35
CA ARG A 54 -4.71 30.18 1.31
C ARG A 54 -4.65 31.34 2.29
N ILE A 55 -4.66 31.01 3.58
CA ILE A 55 -4.46 31.97 4.65
C ILE A 55 -3.40 31.39 5.58
N TYR A 56 -2.53 32.25 6.10
CA TYR A 56 -1.44 31.85 6.98
C TYR A 56 -0.54 30.81 6.32
N HIS A 57 -0.51 30.79 4.99
CA HIS A 57 0.36 29.87 4.28
C HIS A 57 1.82 30.17 4.60
N VAL A 58 2.59 29.12 4.89
CA VAL A 58 3.98 29.27 5.27
C VAL A 58 4.82 29.74 4.08
N THR A 181 -0.82 20.90 -19.37
CA THR A 181 0.10 21.70 -18.56
C THR A 181 0.51 20.97 -17.29
N SER A 182 -0.16 21.27 -16.19
CA SER A 182 0.22 20.79 -14.87
C SER A 182 -0.73 19.69 -14.43
N GLY A 183 -0.19 18.56 -14.01
CA GLY A 183 -1.01 17.46 -13.56
C GLY A 183 -1.37 17.48 -12.09
N ILE A 184 -0.54 18.11 -11.28
CA ILE A 184 -0.74 18.19 -9.83
C ILE A 184 -0.56 19.62 -9.38
N PHE A 185 -1.47 20.07 -8.52
CA PHE A 185 -1.31 21.31 -7.78
C PHE A 185 -1.16 20.95 -6.30
N GLU A 186 -0.27 21.66 -5.61
CA GLU A 186 0.08 21.36 -4.24
C GLU A 186 -0.13 22.59 -3.40
N THR A 187 -0.94 22.47 -2.34
CA THR A 187 -1.17 23.55 -1.38
C THR A 187 -0.63 23.10 -0.03
N LYS A 188 0.29 23.88 0.52
CA LYS A 188 0.87 23.61 1.82
C LYS A 188 0.26 24.57 2.82
N PHE A 189 -0.36 24.04 3.87
CA PHE A 189 -0.91 24.91 4.90
C PHE A 189 -0.61 24.35 6.28
N GLN A 190 -0.40 25.27 7.22
CA GLN A 190 -0.02 24.94 8.59
C GLN A 190 -1.15 25.33 9.53
N VAL A 191 -1.58 24.38 10.35
CA VAL A 191 -2.59 24.64 11.38
C VAL A 191 -2.00 24.24 12.72
N ASP A 192 -1.94 25.21 13.64
CA ASP A 192 -1.40 24.98 14.99
C ASP A 192 -0.04 24.30 14.94
N LYS A 193 0.82 24.81 14.07
CA LYS A 193 2.18 24.31 13.92
C LYS A 193 2.20 22.83 13.55
N VAL A 194 1.24 22.41 12.74
CA VAL A 194 1.26 21.11 12.08
C VAL A 194 1.13 21.34 10.59
N ASN A 195 1.94 20.64 9.81
CA ASN A 195 2.03 20.85 8.38
C ASN A 195 1.08 19.92 7.63
N PHE A 196 0.48 20.44 6.56
CA PHE A 196 -0.45 19.68 5.74
C PHE A 196 -0.13 19.95 4.28
N HIS A 197 -0.02 18.88 3.50
CA HIS A 197 0.11 18.95 2.06
C HIS A 197 -1.19 18.47 1.43
N MET A 198 -1.75 19.27 0.51
CA MET A 198 -2.97 18.92 -0.18
C MET A 198 -2.74 18.90 -1.67
N PHE A 199 -3.18 17.83 -2.32
CA PHE A 199 -2.89 17.57 -3.72
C PHE A 199 -4.18 17.57 -4.52
N ASP A 200 -4.26 18.46 -5.50
CA ASP A 200 -5.40 18.54 -6.41
C ASP A 200 -4.93 18.08 -7.79
N VAL A 201 -5.66 17.16 -8.38
CA VAL A 201 -5.24 16.53 -9.63
C VAL A 201 -5.90 17.27 -10.79
N GLY A 202 -5.21 18.28 -11.32
CA GLY A 202 -5.69 19.05 -12.44
C GLY A 202 -5.09 18.56 -13.73
N ALA A 203 -5.83 18.72 -14.83
CA ALA A 203 -5.34 18.41 -16.17
C ALA A 203 -4.91 16.96 -16.29
N GLN A 204 -5.81 16.05 -15.95
CA GLN A 204 -5.64 14.64 -16.27
C GLN A 204 -6.98 14.07 -16.73
N ARG A 205 -6.90 12.98 -17.47
CA ARG A 205 -8.08 12.38 -18.07
C ARG A 205 -9.01 11.84 -17.00
N ASP A 206 -10.23 11.54 -17.42
CA ASP A 206 -11.24 11.07 -16.49
C ASP A 206 -10.89 9.70 -15.92
N GLU A 207 -10.16 8.89 -16.67
CA GLU A 207 -9.80 7.56 -16.21
C GLU A 207 -8.91 7.68 -14.97
N ARG A 208 -9.37 7.12 -13.86
CA ARG A 208 -8.75 7.36 -12.57
C ARG A 208 -8.34 6.09 -11.85
N ARG A 209 -8.57 4.93 -12.45
CA ARG A 209 -8.30 3.67 -11.79
C ARG A 209 -6.82 3.39 -11.64
N LYS A 210 -5.96 4.17 -12.28
CA LYS A 210 -4.53 3.90 -12.29
C LYS A 210 -3.71 4.85 -11.45
N TRP A 211 -3.99 6.15 -11.46
CA TRP A 211 -3.14 7.03 -10.68
C TRP A 211 -3.58 7.18 -9.24
N ILE A 212 -4.80 6.78 -8.91
CA ILE A 212 -5.23 6.89 -7.51
C ILE A 212 -4.49 5.90 -6.63
N GLN A 213 -3.94 4.83 -7.22
CA GLN A 213 -3.14 3.90 -6.44
C GLN A 213 -1.95 4.56 -5.80
N CYS A 214 -1.49 5.68 -6.35
CA CYS A 214 -0.35 6.38 -5.78
C CYS A 214 -0.67 7.04 -4.45
N PHE A 215 -1.93 7.07 -4.05
CA PHE A 215 -2.36 7.81 -2.86
C PHE A 215 -2.86 6.89 -1.75
N ASN A 216 -2.14 5.80 -1.48
CA ASN A 216 -2.53 4.91 -0.41
C ASN A 216 -1.89 5.24 0.92
N ASP A 217 -0.88 6.11 0.93
CA ASP A 217 -0.20 6.50 2.15
C ASP A 217 -0.65 7.84 2.69
N VAL A 218 -1.65 8.47 2.07
CA VAL A 218 -2.11 9.75 2.55
C VAL A 218 -2.89 9.58 3.85
N THR A 219 -3.02 10.68 4.59
CA THR A 219 -3.78 10.63 5.82
C THR A 219 -5.28 10.63 5.55
N ALA A 220 -5.73 11.37 4.54
CA ALA A 220 -7.15 11.47 4.29
C ALA A 220 -7.42 11.87 2.85
N ILE A 221 -8.64 11.60 2.43
CA ILE A 221 -9.17 12.01 1.14
C ILE A 221 -10.29 12.98 1.41
N ILE A 222 -10.11 14.24 1.04
CA ILE A 222 -11.14 15.27 1.19
C ILE A 222 -12.00 15.25 -0.06
N PHE A 223 -13.22 14.72 0.08
CA PHE A 223 -14.15 14.59 -1.03
C PHE A 223 -15.19 15.70 -0.95
N VAL A 224 -15.21 16.57 -1.95
CA VAL A 224 -16.14 17.68 -1.98
C VAL A 224 -17.30 17.34 -2.91
N VAL A 225 -18.53 17.59 -2.45
CA VAL A 225 -19.73 17.23 -3.21
C VAL A 225 -20.66 18.42 -3.28
N ASP A 226 -21.26 18.63 -4.44
CA ASP A 226 -22.31 19.62 -4.64
C ASP A 226 -23.63 19.11 -4.08
N SER A 227 -24.00 19.60 -2.90
CA SER A 227 -25.28 19.20 -2.32
C SER A 227 -26.44 19.85 -3.04
N SER A 228 -26.25 21.06 -3.56
CA SER A 228 -27.30 21.78 -4.26
C SER A 228 -27.19 21.58 -5.76
N ASP A 229 -27.23 20.32 -6.18
CA ASP A 229 -27.22 20.00 -7.60
C ASP A 229 -28.40 19.14 -8.02
N TYR A 230 -28.71 18.10 -7.26
CA TYR A 230 -29.92 17.32 -7.40
C TYR A 230 -29.97 16.53 -8.71
N ASN A 231 -28.99 16.74 -9.59
CA ASN A 231 -28.92 16.02 -10.84
C ASN A 231 -27.70 15.12 -10.92
N ARG A 232 -26.53 15.66 -10.60
CA ARG A 232 -25.29 14.91 -10.66
C ARG A 232 -24.93 14.32 -9.31
N LEU A 233 -25.85 14.34 -8.35
CA LEU A 233 -25.53 13.92 -7.00
C LEU A 233 -25.42 12.41 -6.92
N GLN A 234 -26.16 11.68 -7.74
CA GLN A 234 -25.98 10.23 -7.77
C GLN A 234 -24.65 9.85 -8.40
N GLU A 235 -24.15 10.65 -9.35
CA GLU A 235 -22.79 10.45 -9.84
C GLU A 235 -21.79 10.63 -8.72
N ALA A 236 -22.01 11.63 -7.85
CA ALA A 236 -21.13 11.83 -6.71
C ALA A 236 -21.18 10.64 -5.76
N LEU A 237 -22.37 10.11 -5.52
CA LEU A 237 -22.47 8.92 -4.68
C LEU A 237 -21.73 7.74 -5.28
N ASN A 238 -21.83 7.56 -6.60
CA ASN A 238 -21.13 6.43 -7.23
C ASN A 238 -19.63 6.62 -7.18
N ASP A 239 -19.15 7.85 -7.37
CA ASP A 239 -17.72 8.11 -7.23
C ASP A 239 -17.26 7.83 -5.82
N PHE A 240 -18.03 8.25 -4.82
CA PHE A 240 -17.64 8.03 -3.43
C PHE A 240 -17.69 6.55 -3.09
N LYS A 241 -18.65 5.82 -3.64
CA LYS A 241 -18.71 4.38 -3.44
C LYS A 241 -17.48 3.69 -4.01
N SER A 242 -17.06 4.12 -5.21
CA SER A 242 -15.85 3.57 -5.80
C SER A 242 -14.63 3.88 -4.94
N ILE A 243 -14.55 5.09 -4.41
CA ILE A 243 -13.43 5.45 -3.53
C ILE A 243 -13.43 4.57 -2.29
N TRP A 244 -14.60 4.41 -1.68
CA TRP A 244 -14.72 3.69 -0.42
C TRP A 244 -14.36 2.22 -0.59
N ASN A 245 -14.93 1.58 -1.60
CA ASN A 245 -14.74 0.14 -1.78
C ASN A 245 -13.44 -0.22 -2.49
N ASN A 246 -12.71 0.77 -2.99
CA ASN A 246 -11.51 0.50 -3.77
C ASN A 246 -10.44 -0.16 -2.91
N ARG A 247 -9.80 -1.17 -3.48
CA ARG A 247 -8.58 -1.65 -2.87
C ARG A 247 -7.52 -0.58 -2.99
N TRP A 248 -6.49 -0.70 -2.15
CA TRP A 248 -5.43 0.28 -1.98
C TRP A 248 -5.95 1.53 -1.32
N LEU A 249 -7.25 1.58 -1.00
CA LEU A 249 -7.84 2.70 -0.28
C LEU A 249 -8.78 2.22 0.82
N ARG A 250 -8.59 1.00 1.32
CA ARG A 250 -9.46 0.45 2.36
C ARG A 250 -9.05 0.86 3.76
N THR A 251 -7.99 1.66 3.89
CA THR A 251 -7.55 2.17 5.16
C THR A 251 -7.50 3.69 5.20
N ILE A 252 -7.88 4.37 4.12
CA ILE A 252 -7.78 5.82 4.02
C ILE A 252 -9.15 6.42 4.27
N SER A 253 -9.24 7.24 5.31
CA SER A 253 -10.50 7.85 5.70
C SER A 253 -10.83 9.04 4.81
N VAL A 254 -12.12 9.29 4.64
CA VAL A 254 -12.62 10.30 3.73
C VAL A 254 -13.29 11.39 4.55
N ILE A 255 -12.72 12.58 4.51
CA ILE A 255 -13.39 13.76 5.04
C ILE A 255 -14.34 14.27 3.97
N LEU A 256 -15.64 14.23 4.26
CA LEU A 256 -16.66 14.50 3.27
C LEU A 256 -17.21 15.91 3.49
N PHE A 257 -17.00 16.78 2.51
CA PHE A 257 -17.51 18.13 2.53
C PHE A 257 -18.73 18.20 1.62
N LEU A 258 -19.83 18.70 2.16
CA LEU A 258 -21.06 18.90 1.39
C LEU A 258 -21.17 20.39 1.11
N ASN A 259 -20.53 20.80 0.02
CA ASN A 259 -20.32 22.20 -0.29
C ASN A 259 -21.60 22.88 -0.74
N LYS A 260 -21.55 24.21 -0.79
CA LYS A 260 -22.62 25.04 -1.34
C LYS A 260 -23.95 24.77 -0.64
N GLN A 261 -23.95 25.12 0.64
CA GLN A 261 -25.12 24.93 1.49
C GLN A 261 -26.15 26.04 1.34
N ASP A 262 -25.70 27.28 1.11
CA ASP A 262 -26.65 28.38 0.93
C ASP A 262 -27.51 28.16 -0.30
N LEU A 263 -26.92 27.62 -1.37
CA LEU A 263 -27.70 27.30 -2.56
C LEU A 263 -28.78 26.28 -2.24
N LEU A 264 -28.45 25.26 -1.46
CA LEU A 264 -29.44 24.27 -1.09
C LEU A 264 -30.54 24.90 -0.24
N ALA A 265 -30.15 25.75 0.70
CA ALA A 265 -31.13 26.42 1.54
C ALA A 265 -32.14 27.19 0.70
N GLU A 266 -31.65 28.04 -0.19
CA GLU A 266 -32.57 28.83 -1.00
C GLU A 266 -33.36 27.95 -1.96
N LYS A 267 -32.78 26.84 -2.40
CA LYS A 267 -33.47 26.01 -3.38
C LYS A 267 -34.64 25.27 -2.74
N VAL A 268 -34.44 24.66 -1.57
CA VAL A 268 -35.54 23.98 -0.90
C VAL A 268 -36.40 24.92 -0.08
N LEU A 269 -36.05 26.20 -0.03
CA LEU A 269 -36.97 27.17 0.54
C LEU A 269 -37.88 27.78 -0.52
N ALA A 270 -37.35 28.08 -1.71
CA ALA A 270 -38.15 28.73 -2.73
C ALA A 270 -39.31 27.86 -3.17
N GLY A 271 -39.10 26.55 -3.25
CA GLY A 271 -40.17 25.63 -3.54
C GLY A 271 -40.16 25.04 -4.94
N LYS A 272 -39.08 25.16 -5.69
CA LYS A 272 -38.95 24.56 -7.00
C LYS A 272 -37.95 23.40 -6.94
N SER A 273 -38.06 22.50 -7.91
CA SER A 273 -37.12 21.39 -8.07
C SER A 273 -37.11 20.49 -6.83
N LYS A 274 -38.25 19.84 -6.61
CA LYS A 274 -38.42 18.97 -5.45
C LYS A 274 -37.42 17.82 -5.47
N ILE A 275 -36.77 17.61 -4.32
CA ILE A 275 -35.81 16.53 -4.17
C ILE A 275 -36.46 15.16 -4.20
N GLU A 276 -37.77 15.09 -3.98
CA GLU A 276 -38.46 13.80 -4.02
C GLU A 276 -38.32 13.12 -5.38
N ASP A 277 -38.25 13.92 -6.46
CA ASP A 277 -38.29 13.37 -7.81
C ASP A 277 -37.00 12.70 -8.23
N TYR A 278 -35.87 13.01 -7.59
CA TYR A 278 -34.62 12.33 -7.89
C TYR A 278 -34.28 11.26 -6.87
N PHE A 279 -34.77 11.37 -5.64
CA PHE A 279 -34.58 10.35 -4.61
C PHE A 279 -35.93 10.04 -4.00
N PRO A 280 -36.49 8.85 -4.25
CA PRO A 280 -37.83 8.54 -3.76
C PRO A 280 -37.87 8.01 -2.34
N GLU A 281 -36.72 7.92 -1.67
CA GLU A 281 -36.65 7.56 -0.27
C GLU A 281 -36.73 8.77 0.65
N PHE A 282 -37.34 9.86 0.20
CA PHE A 282 -37.37 11.10 0.93
C PHE A 282 -38.70 11.37 1.61
N ALA A 283 -39.81 10.94 1.03
CA ALA A 283 -41.11 11.15 1.66
C ALA A 283 -41.25 10.41 2.97
N ARG A 284 -40.41 9.40 3.21
CA ARG A 284 -40.45 8.59 4.41
C ARG A 284 -39.16 8.76 5.22
N TYR A 285 -38.69 10.00 5.35
CA TYR A 285 -37.46 10.30 6.07
C TYR A 285 -37.75 11.36 7.09
N THR A 286 -37.46 11.07 8.36
CA THR A 286 -37.57 12.04 9.43
C THR A 286 -36.17 12.38 9.94
N THR A 287 -36.00 13.62 10.35
CA THR A 287 -34.70 14.08 10.80
C THR A 287 -34.19 13.18 11.91
N PRO A 288 -32.95 12.72 11.84
CA PRO A 288 -32.39 11.96 12.96
C PRO A 288 -32.33 12.83 14.21
N GLU A 289 -32.60 12.21 15.36
CA GLU A 289 -32.75 12.97 16.58
C GLU A 289 -31.46 13.67 16.97
N ASP A 290 -30.31 13.17 16.50
CA ASP A 290 -29.02 13.75 16.82
C ASP A 290 -28.62 14.87 15.88
N ALA A 291 -29.58 15.51 15.20
CA ALA A 291 -29.28 16.63 14.35
C ALA A 291 -29.24 17.92 15.14
N THR A 292 -28.39 18.85 14.70
CA THR A 292 -28.15 20.10 15.41
C THR A 292 -28.33 21.26 14.43
N PRO A 293 -29.57 21.66 14.18
CA PRO A 293 -29.81 22.78 13.27
C PRO A 293 -29.24 24.08 13.80
N GLU A 294 -28.77 24.92 12.88
CA GLU A 294 -28.34 26.26 13.22
C GLU A 294 -29.55 27.13 13.53
N PRO A 295 -29.37 28.21 14.29
CA PRO A 295 -30.49 29.11 14.56
C PRO A 295 -31.02 29.75 13.30
N GLY A 296 -32.34 29.95 13.26
CA GLY A 296 -32.98 30.54 12.10
C GLY A 296 -32.96 29.67 10.85
N GLU A 297 -33.25 28.38 11.01
CA GLU A 297 -33.22 27.43 9.91
C GLU A 297 -34.51 26.63 9.88
N ASP A 298 -35.11 26.52 8.70
CA ASP A 298 -36.35 25.77 8.56
C ASP A 298 -36.11 24.27 8.70
N PRO A 299 -37.10 23.53 9.19
CA PRO A 299 -36.96 22.07 9.25
C PRO A 299 -36.77 21.41 7.91
N ARG A 300 -37.28 21.99 6.82
CA ARG A 300 -37.12 21.37 5.51
C ARG A 300 -35.67 21.44 5.04
N VAL A 301 -35.01 22.58 5.28
CA VAL A 301 -33.59 22.68 4.96
C VAL A 301 -32.80 21.66 5.76
N THR A 302 -33.15 21.49 7.03
CA THR A 302 -32.46 20.50 7.86
C THR A 302 -32.70 19.10 7.33
N ARG A 303 -33.93 18.80 6.90
CA ARG A 303 -34.22 17.46 6.41
C ARG A 303 -33.45 17.15 5.15
N ALA A 304 -33.42 18.08 4.19
CA ALA A 304 -32.63 17.83 2.98
C ALA A 304 -31.14 17.74 3.30
N LYS A 305 -30.67 18.65 4.16
CA LYS A 305 -29.24 18.73 4.47
C LYS A 305 -28.76 17.45 5.13
N TYR A 306 -29.58 16.85 5.98
CA TYR A 306 -29.20 15.59 6.59
C TYR A 306 -29.56 14.39 5.72
N PHE A 307 -30.51 14.52 4.80
CA PHE A 307 -30.81 13.44 3.88
C PHE A 307 -29.64 13.16 2.97
N ILE A 308 -29.01 14.21 2.45
CA ILE A 308 -27.85 14.00 1.58
C ILE A 308 -26.70 13.37 2.36
N ARG A 309 -26.47 13.88 3.57
CA ARG A 309 -25.43 13.30 4.42
C ARG A 309 -25.72 11.83 4.70
N ASP A 310 -27.00 11.49 4.87
CA ASP A 310 -27.36 10.09 5.11
C ASP A 310 -27.16 9.26 3.86
N GLU A 311 -27.43 9.82 2.68
CA GLU A 311 -27.15 9.12 1.44
C GLU A 311 -25.68 8.72 1.36
N PHE A 312 -24.80 9.64 1.74
CA PHE A 312 -23.37 9.32 1.71
C PHE A 312 -22.97 8.36 2.82
N LEU A 313 -23.49 8.59 4.03
CA LEU A 313 -23.06 7.78 5.18
C LEU A 313 -23.61 6.37 5.10
N ARG A 314 -24.72 6.16 4.39
CA ARG A 314 -25.24 4.82 4.19
C ARG A 314 -24.26 3.99 3.37
N ILE A 315 -23.66 4.60 2.35
CA ILE A 315 -22.55 3.95 1.64
C ILE A 315 -21.34 3.80 2.54
N SER A 316 -21.11 4.79 3.40
CA SER A 316 -19.91 4.78 4.23
C SER A 316 -19.85 3.55 5.13
N THR A 317 -20.93 3.28 5.84
CA THR A 317 -20.96 2.23 6.86
C THR A 317 -21.44 0.89 6.33
N ALA A 318 -21.80 0.80 5.06
CA ALA A 318 -22.35 -0.43 4.53
C ALA A 318 -21.28 -1.53 4.44
N SER A 319 -20.12 -1.20 3.94
CA SER A 319 -19.16 -2.25 3.64
C SER A 319 -17.86 -2.14 4.41
N GLY A 320 -17.26 -0.95 4.44
CA GLY A 320 -15.97 -0.78 5.07
C GLY A 320 -15.94 -1.18 6.53
N ASP A 321 -14.94 -1.97 6.90
CA ASP A 321 -14.79 -2.41 8.29
C ASP A 321 -14.27 -1.23 9.12
N GLY A 322 -13.97 -1.50 10.38
CA GLY A 322 -13.51 -0.45 11.27
C GLY A 322 -12.17 0.16 10.92
N ARG A 323 -11.60 -0.20 9.77
CA ARG A 323 -10.27 0.27 9.41
C ARG A 323 -10.25 1.73 8.98
N HIS A 324 -11.38 2.28 8.54
CA HIS A 324 -11.45 3.69 8.19
C HIS A 324 -12.88 4.18 8.37
N TYR A 325 -13.03 5.50 8.48
CA TYR A 325 -14.33 6.11 8.73
C TYR A 325 -14.49 7.35 7.85
N CYS A 326 -15.72 7.84 7.78
CA CYS A 326 -16.08 9.00 6.97
C CYS A 326 -16.61 10.10 7.88
N TYR A 327 -16.03 11.29 7.74
CA TYR A 327 -16.43 12.42 8.56
C TYR A 327 -17.13 13.46 7.70
N PRO A 328 -18.44 13.67 7.85
CA PRO A 328 -19.12 14.68 7.06
C PRO A 328 -19.19 16.04 7.72
N HIS A 329 -19.09 17.08 6.89
CA HIS A 329 -19.24 18.45 7.33
C HIS A 329 -20.06 19.22 6.32
N PHE A 330 -20.95 20.08 6.79
CA PHE A 330 -21.79 20.90 5.93
C PHE A 330 -21.04 22.21 5.64
N THR A 331 -20.10 22.12 4.72
CA THR A 331 -19.25 23.27 4.45
C THR A 331 -19.92 24.22 3.47
N CYS A 332 -19.42 25.45 3.45
CA CYS A 332 -19.84 26.46 2.49
C CYS A 332 -18.60 26.99 1.78
N SER A 333 -18.81 27.58 0.60
CA SER A 333 -17.69 28.05 -0.21
C SER A 333 -16.91 29.14 0.50
N VAL A 334 -17.63 30.10 1.13
CA VAL A 334 -16.99 31.24 1.76
C VAL A 334 -16.54 30.95 3.18
N ASP A 335 -16.83 29.76 3.71
CA ASP A 335 -16.53 29.46 5.11
C ASP A 335 -15.04 29.53 5.38
N THR A 336 -14.70 30.02 6.57
CA THR A 336 -13.31 30.29 6.96
C THR A 336 -12.84 29.37 8.07
N GLU A 337 -13.21 28.09 8.00
CA GLU A 337 -12.90 27.17 9.08
C GLU A 337 -12.47 25.79 8.59
N ASN A 338 -12.29 25.59 7.29
CA ASN A 338 -12.09 24.24 6.79
C ASN A 338 -10.76 23.64 7.24
N ALA A 339 -9.74 24.47 7.41
CA ALA A 339 -8.45 23.96 7.87
C ALA A 339 -8.56 23.37 9.27
N ARG A 340 -9.33 24.02 10.14
CA ARG A 340 -9.50 23.51 11.49
C ARG A 340 -10.24 22.19 11.50
N ARG A 341 -11.23 22.05 10.62
CA ARG A 341 -11.92 20.77 10.50
C ARG A 341 -10.98 19.68 10.03
N ILE A 342 -10.16 19.96 9.02
CA ILE A 342 -9.20 18.96 8.57
C ILE A 342 -8.25 18.59 9.70
N PHE A 343 -7.84 19.59 10.50
CA PHE A 343 -7.00 19.34 11.65
C PHE A 343 -7.65 18.36 12.62
N ASN A 344 -8.90 18.64 13.01
CA ASN A 344 -9.58 17.83 14.01
C ASN A 344 -9.82 16.41 13.50
N ASP A 345 -10.24 16.26 12.25
CA ASP A 345 -10.51 14.93 11.75
C ASP A 345 -9.24 14.15 11.43
N CYS A 346 -8.14 14.82 11.09
CA CYS A 346 -6.87 14.12 11.01
C CYS A 346 -6.42 13.64 12.38
N ARG A 347 -6.62 14.46 13.41
CA ARG A 347 -6.38 14.03 14.78
C ARG A 347 -7.18 12.78 15.11
N ASP A 348 -8.47 12.79 14.80
CA ASP A 348 -9.31 11.64 15.07
C ASP A 348 -8.83 10.42 14.31
N ILE A 349 -8.37 10.62 13.08
CA ILE A 349 -7.92 9.49 12.28
C ILE A 349 -6.71 8.83 12.90
N ILE A 350 -5.71 9.64 13.28
CA ILE A 350 -4.50 9.10 13.89
C ILE A 350 -4.84 8.43 15.22
N GLN A 351 -5.68 9.08 16.02
CA GLN A 351 -6.06 8.52 17.32
C GLN A 351 -6.78 7.19 17.17
N ARG A 352 -7.71 7.09 16.22
CA ARG A 352 -8.43 5.85 16.03
C ARG A 352 -7.50 4.74 15.55
N MET A 353 -6.60 5.06 14.61
CA MET A 353 -5.62 4.08 14.16
C MET A 353 -4.82 3.53 15.33
N HIS A 354 -4.25 4.42 16.13
CA HIS A 354 -3.37 3.99 17.20
C HIS A 354 -4.14 3.30 18.31
N LEU A 355 -5.40 3.68 18.53
CA LEU A 355 -6.20 3.01 19.56
C LEU A 355 -6.65 1.64 19.09
N ARG A 356 -6.75 1.41 17.79
CA ARG A 356 -6.98 0.05 17.32
C ARG A 356 -5.73 -0.79 17.38
N GLN A 357 -4.56 -0.21 17.17
CA GLN A 357 -3.33 -0.99 17.31
C GLN A 357 -3.11 -1.45 18.74
N TYR A 358 -3.53 -0.65 19.72
CA TYR A 358 -3.38 -0.97 21.14
C TYR A 358 -4.47 -1.89 21.65
N GLU A 359 -5.41 -2.25 20.80
CA GLU A 359 -6.52 -3.15 21.11
C GLU A 359 -7.50 -2.53 22.09
N LEU A 360 -7.45 -1.22 22.26
CA LEU A 360 -8.55 -0.50 22.89
C LEU A 360 -9.63 -0.29 21.84
N LEU A 361 -10.59 0.59 22.11
CA LEU A 361 -11.57 0.99 21.12
C LEU A 361 -12.40 -0.21 20.66
N GLU B 8 -23.92 5.28 -43.20
CA GLU B 8 -22.56 5.67 -43.49
C GLU B 8 -21.62 5.26 -42.37
N LEU B 9 -21.91 5.75 -41.16
CA LEU B 9 -21.12 5.37 -40.00
C LEU B 9 -21.25 3.87 -39.73
N ASP B 10 -22.46 3.33 -39.86
CA ASP B 10 -22.63 1.89 -39.75
C ASP B 10 -21.91 1.15 -40.86
N GLN B 11 -21.79 1.77 -42.04
CA GLN B 11 -20.99 1.17 -43.10
C GLN B 11 -19.53 1.06 -42.68
N LEU B 12 -19.00 2.10 -42.04
CA LEU B 12 -17.64 2.04 -41.53
C LEU B 12 -17.52 1.00 -40.43
N ARG B 13 -18.55 0.85 -39.61
CA ARG B 13 -18.54 -0.20 -38.60
C ARG B 13 -18.47 -1.58 -39.25
N GLN B 14 -19.23 -1.78 -40.32
CA GLN B 14 -19.20 -3.06 -41.01
C GLN B 14 -17.85 -3.30 -41.68
N GLU B 15 -17.25 -2.26 -42.25
CA GLU B 15 -15.93 -2.39 -42.83
C GLU B 15 -14.90 -2.78 -41.77
N ALA B 16 -14.98 -2.14 -40.60
CA ALA B 16 -14.08 -2.50 -39.51
C ALA B 16 -14.30 -3.94 -39.09
N GLU B 17 -15.55 -4.38 -39.03
CA GLU B 17 -15.83 -5.76 -38.67
C GLU B 17 -15.26 -6.73 -39.70
N GLN B 18 -15.36 -6.38 -40.97
CA GLN B 18 -14.81 -7.24 -42.02
C GLN B 18 -13.30 -7.34 -41.93
N LEU B 19 -12.61 -6.21 -41.72
CA LEU B 19 -11.16 -6.26 -41.54
C LEU B 19 -10.80 -7.05 -40.30
N LYS B 20 -11.56 -6.90 -39.22
CA LYS B 20 -11.28 -7.67 -38.00
C LYS B 20 -11.42 -9.16 -38.26
N ASN B 21 -12.47 -9.57 -38.98
CA ASN B 21 -12.63 -10.99 -39.28
C ASN B 21 -11.52 -11.50 -40.18
N GLN B 22 -11.11 -10.71 -41.18
CA GLN B 22 -10.02 -11.14 -42.04
C GLN B 22 -8.74 -11.32 -41.24
N ILE B 23 -8.46 -10.37 -40.33
CA ILE B 23 -7.28 -10.48 -39.49
C ILE B 23 -7.34 -11.73 -38.63
N ARG B 24 -8.50 -11.98 -38.03
CA ARG B 24 -8.64 -13.13 -37.15
C ARG B 24 -8.42 -14.43 -37.92
N ASP B 25 -9.01 -14.54 -39.11
CA ASP B 25 -8.86 -15.76 -39.89
C ASP B 25 -7.41 -15.96 -40.33
N ALA B 26 -6.76 -14.90 -40.82
CA ALA B 26 -5.37 -15.03 -41.24
C ALA B 26 -4.49 -15.42 -40.06
N ARG B 27 -4.75 -14.86 -38.88
CA ARG B 27 -3.98 -15.22 -37.70
C ARG B 27 -4.22 -16.68 -37.31
N LYS B 28 -5.48 -17.13 -37.35
CA LYS B 28 -5.77 -18.51 -36.98
C LYS B 28 -5.25 -19.50 -38.02
N ALA B 29 -4.90 -19.03 -39.21
CA ALA B 29 -4.31 -19.92 -40.20
C ALA B 29 -2.90 -20.33 -39.80
N CYS B 30 -2.00 -19.37 -39.66
CA CYS B 30 -0.58 -19.65 -39.41
C CYS B 30 -0.31 -19.92 -37.94
N ALA B 31 -1.01 -20.89 -37.37
CA ALA B 31 -0.85 -21.26 -35.97
C ALA B 31 -0.82 -22.78 -35.86
N ASP B 32 0.01 -23.42 -36.68
CA ASP B 32 -0.06 -24.87 -36.84
C ASP B 32 0.23 -25.61 -35.55
N ALA B 33 1.25 -25.17 -34.80
CA ALA B 33 1.66 -25.86 -33.60
C ALA B 33 1.68 -24.90 -32.41
N THR B 34 1.07 -25.32 -31.31
CA THR B 34 1.16 -24.59 -30.06
C THR B 34 2.49 -24.87 -29.39
N LEU B 35 3.06 -23.84 -28.74
CA LEU B 35 4.41 -23.96 -28.20
C LEU B 35 4.51 -25.03 -27.12
N SER B 36 3.40 -25.42 -26.52
CA SER B 36 3.45 -26.49 -25.53
C SER B 36 3.84 -27.81 -26.16
N GLN B 37 3.35 -28.07 -27.37
CA GLN B 37 3.63 -29.35 -28.03
C GLN B 37 5.08 -29.42 -28.51
N ILE B 38 5.63 -28.31 -28.98
CA ILE B 38 6.96 -28.30 -29.59
C ILE B 38 8.04 -27.96 -28.57
N THR B 39 7.73 -28.07 -27.27
CA THR B 39 8.73 -27.90 -26.22
C THR B 39 8.72 -29.06 -25.23
N ASN B 40 8.03 -30.16 -25.54
CA ASN B 40 8.03 -31.32 -24.64
C ASN B 40 9.42 -31.92 -24.53
N ASN B 41 10.14 -32.00 -25.65
CA ASN B 41 11.50 -32.54 -25.62
C ASN B 41 12.44 -31.65 -24.81
N ILE B 42 12.08 -30.38 -24.59
CA ILE B 42 12.95 -29.49 -23.84
C ILE B 42 13.01 -29.93 -22.40
N ASP B 43 14.22 -30.07 -21.86
CA ASP B 43 14.37 -30.47 -20.48
C ASP B 43 13.87 -29.38 -19.55
N PRO B 44 13.23 -29.74 -18.43
CA PRO B 44 12.72 -28.72 -17.51
C PRO B 44 13.85 -27.93 -16.88
N VAL B 45 13.55 -26.68 -16.54
CA VAL B 45 14.52 -25.77 -15.96
C VAL B 45 14.93 -26.31 -14.59
N GLY B 46 13.99 -26.95 -13.91
CA GLY B 46 14.27 -27.49 -12.59
C GLY B 46 13.68 -26.61 -11.50
N ARG B 47 14.54 -26.17 -10.58
CA ARG B 47 14.16 -25.21 -9.57
C ARG B 47 15.25 -24.15 -9.48
N ILE B 48 14.85 -22.88 -9.64
CA ILE B 48 15.78 -21.78 -9.67
C ILE B 48 15.51 -20.92 -8.44
N GLN B 49 16.33 -21.07 -7.41
CA GLN B 49 16.23 -20.30 -6.19
C GLN B 49 17.24 -19.17 -6.20
N MET B 50 16.87 -18.05 -5.58
CA MET B 50 17.73 -16.88 -5.52
C MET B 50 17.71 -16.35 -4.10
N ARG B 51 18.76 -15.63 -3.75
CA ARG B 51 18.93 -15.14 -2.39
C ARG B 51 19.31 -13.67 -2.40
N THR B 52 18.88 -12.96 -1.37
CA THR B 52 19.12 -11.53 -1.29
C THR B 52 20.58 -11.22 -1.01
N ARG B 53 21.35 -11.01 -2.07
CA ARG B 53 22.75 -10.63 -1.89
C ARG B 53 22.86 -9.26 -1.26
N ARG B 54 22.10 -8.28 -1.73
CA ARG B 54 22.08 -6.98 -1.05
C ARG B 54 20.67 -6.48 -0.83
N THR B 55 20.52 -5.65 0.19
CA THR B 55 19.30 -4.91 0.44
C THR B 55 19.66 -3.45 0.63
N LEU B 56 18.99 -2.58 -0.10
CA LEU B 56 19.32 -1.17 -0.21
C LEU B 56 18.20 -0.38 0.42
N ARG B 57 18.55 0.45 1.41
CA ARG B 57 17.60 1.21 2.19
C ARG B 57 17.98 2.67 2.16
N GLY B 58 17.01 3.53 2.40
CA GLY B 58 17.24 4.96 2.36
C GLY B 58 16.06 5.68 1.78
N HIS B 59 15.20 4.96 1.07
CA HIS B 59 13.96 5.54 0.59
C HIS B 59 12.94 5.57 1.72
N LEU B 60 12.18 6.66 1.77
CA LEU B 60 11.22 6.84 2.84
C LEU B 60 9.88 6.20 2.53
N ALA B 61 9.43 6.34 1.29
CA ALA B 61 8.11 5.91 0.85
C ALA B 61 8.27 4.84 -0.23
N LYS B 62 7.16 4.52 -0.86
CA LYS B 62 7.12 3.49 -1.88
C LYS B 62 8.12 3.79 -2.99
N ILE B 63 8.70 2.73 -3.55
CA ILE B 63 9.53 2.83 -4.74
C ILE B 63 8.66 2.47 -5.94
N TYR B 64 8.57 3.36 -6.92
CA TYR B 64 7.78 3.05 -8.10
C TYR B 64 8.59 2.69 -9.35
N ALA B 65 9.88 3.03 -9.40
CA ALA B 65 10.63 2.77 -10.60
C ALA B 65 12.07 2.51 -10.24
N MET B 66 12.77 1.87 -11.18
CA MET B 66 14.10 1.35 -10.96
C MET B 66 14.70 1.00 -12.30
N HIS B 67 15.87 1.51 -12.62
CA HIS B 67 16.50 1.15 -13.89
C HIS B 67 17.99 0.98 -13.68
N TRP B 68 18.54 -0.09 -14.23
CA TRP B 68 19.98 -0.34 -14.20
C TRP B 68 20.67 0.57 -15.20
N GLY B 69 21.97 0.35 -15.37
CA GLY B 69 22.77 1.06 -16.34
C GLY B 69 23.47 0.12 -17.30
N THR B 70 24.20 0.71 -18.23
CA THR B 70 24.92 -0.09 -19.21
C THR B 70 26.09 -0.82 -18.59
N ASP B 71 26.62 -0.35 -17.47
CA ASP B 71 27.74 -1.00 -16.80
C ASP B 71 27.31 -2.03 -15.78
N SER B 72 26.01 -2.16 -15.53
CA SER B 72 25.46 -3.16 -14.62
C SER B 72 25.98 -2.99 -13.20
N ARG B 73 26.36 -1.77 -12.83
CA ARG B 73 26.77 -1.47 -11.47
C ARG B 73 25.91 -0.42 -10.80
N LEU B 74 25.68 0.70 -11.47
CA LEU B 74 24.87 1.77 -10.92
C LEU B 74 23.41 1.58 -11.29
N LEU B 75 22.51 1.88 -10.36
CA LEU B 75 21.09 1.81 -10.65
C LEU B 75 20.35 2.97 -10.00
N VAL B 76 19.41 3.55 -10.73
CA VAL B 76 18.60 4.67 -10.24
C VAL B 76 17.30 4.13 -9.69
N SER B 77 16.81 4.77 -8.64
CA SER B 77 15.54 4.39 -8.04
C SER B 77 14.76 5.65 -7.68
N ALA B 78 13.45 5.58 -7.89
CA ALA B 78 12.54 6.71 -7.74
C ALA B 78 11.47 6.39 -6.71
N SER B 79 11.30 7.28 -5.75
CA SER B 79 10.34 7.06 -4.68
C SER B 79 9.36 8.20 -4.59
N GLN B 80 8.19 7.90 -4.01
CA GLN B 80 7.13 8.89 -3.89
C GLN B 80 7.42 9.94 -2.84
N ASP B 81 8.61 9.94 -2.24
CA ASP B 81 9.02 11.02 -1.36
C ASP B 81 9.71 12.14 -2.11
N GLY B 82 9.76 12.06 -3.44
CA GLY B 82 10.45 13.05 -4.23
C GLY B 82 11.94 12.85 -4.16
N LYS B 83 12.42 11.69 -4.63
CA LYS B 83 13.82 11.36 -4.51
C LYS B 83 14.21 10.33 -5.56
N LEU B 84 15.29 10.63 -6.28
CA LEU B 84 16.03 9.65 -7.05
C LEU B 84 17.36 9.39 -6.38
N ILE B 85 17.70 8.12 -6.21
CA ILE B 85 18.99 7.74 -5.65
C ILE B 85 19.72 6.87 -6.67
N ILE B 86 21.01 7.11 -6.83
CA ILE B 86 21.84 6.34 -7.74
C ILE B 86 22.76 5.43 -6.95
N TRP B 87 22.32 4.20 -6.72
CA TRP B 87 23.04 3.27 -5.88
C TRP B 87 24.12 2.53 -6.64
N ASP B 88 25.13 2.09 -5.90
CA ASP B 88 26.17 1.20 -6.38
C ASP B 88 25.93 -0.12 -5.66
N SER B 89 25.24 -1.04 -6.33
CA SER B 89 24.80 -2.27 -5.69
C SER B 89 25.97 -3.13 -5.22
N TYR B 90 27.17 -2.90 -5.74
CA TYR B 90 28.33 -3.66 -5.28
C TYR B 90 28.62 -3.38 -3.82
N THR B 91 28.49 -2.13 -3.40
CA THR B 91 28.92 -1.70 -2.08
C THR B 91 27.84 -1.04 -1.26
N THR B 92 26.60 -1.00 -1.76
CA THR B 92 25.45 -0.43 -1.04
C THR B 92 25.72 1.05 -0.71
N ASN B 93 26.57 1.69 -1.49
CA ASN B 93 26.82 3.12 -1.32
C ASN B 93 25.72 3.92 -2.01
N LYS B 94 25.80 5.24 -1.88
CA LYS B 94 24.92 6.16 -2.58
C LYS B 94 25.78 7.21 -3.26
N VAL B 95 25.63 7.35 -4.57
CA VAL B 95 26.49 8.26 -5.32
C VAL B 95 25.80 9.60 -5.53
N HIS B 96 24.51 9.60 -5.83
CA HIS B 96 23.76 10.82 -5.99
C HIS B 96 22.37 10.65 -5.39
N ALA B 97 21.86 11.73 -4.80
CA ALA B 97 20.49 11.77 -4.28
C ALA B 97 19.88 13.08 -4.73
N ILE B 98 19.07 13.02 -5.79
CA ILE B 98 18.49 14.21 -6.40
C ILE B 98 17.08 14.37 -5.84
N PRO B 99 16.75 15.51 -5.24
CA PRO B 99 15.36 15.82 -4.95
C PRO B 99 14.65 16.28 -6.20
N LEU B 100 13.32 16.23 -6.14
CA LEU B 100 12.47 16.49 -7.29
C LEU B 100 11.59 17.69 -7.02
N ARG B 101 11.05 18.27 -8.09
CA ARG B 101 10.06 19.32 -7.96
C ARG B 101 8.69 18.78 -7.58
N SER B 102 8.33 17.62 -8.12
CA SER B 102 7.04 17.01 -7.87
C SER B 102 7.25 15.69 -7.15
N SER B 103 6.60 15.52 -6.00
CA SER B 103 6.86 14.37 -5.16
C SER B 103 6.17 13.10 -5.64
N TRP B 104 5.44 13.16 -6.74
CA TRP B 104 4.69 12.01 -7.24
C TRP B 104 5.31 11.57 -8.54
N VAL B 105 6.18 10.58 -8.48
CA VAL B 105 6.89 10.08 -9.64
C VAL B 105 6.62 8.60 -9.81
N MET B 106 6.42 8.19 -11.06
CA MET B 106 6.09 6.82 -11.38
C MET B 106 7.05 6.16 -12.34
N THR B 107 8.04 6.86 -12.87
CA THR B 107 8.99 6.24 -13.78
C THR B 107 10.36 6.86 -13.63
N CYS B 108 11.37 6.08 -14.02
CA CYS B 108 12.75 6.54 -14.10
C CYS B 108 13.43 5.81 -15.24
N ALA B 109 14.54 6.36 -15.69
CA ALA B 109 15.37 5.74 -16.71
C ALA B 109 16.81 5.98 -16.35
N TYR B 110 17.72 5.55 -17.22
CA TYR B 110 19.13 5.81 -16.98
C TYR B 110 19.79 5.72 -18.36
N ALA B 111 20.29 6.84 -18.86
CA ALA B 111 20.75 6.89 -20.24
C ALA B 111 21.92 5.94 -20.44
N PRO B 112 22.03 5.30 -21.61
CA PRO B 112 23.09 4.30 -21.79
C PRO B 112 24.48 4.84 -21.57
N SER B 113 24.72 6.09 -21.93
CA SER B 113 26.04 6.68 -21.76
C SER B 113 26.41 6.90 -20.30
N GLY B 114 25.45 6.80 -19.39
CA GLY B 114 25.70 7.04 -17.99
C GLY B 114 25.69 8.50 -17.58
N ASN B 115 25.49 9.40 -18.53
CA ASN B 115 25.55 10.82 -18.25
C ASN B 115 24.20 11.42 -17.92
N TYR B 116 23.12 10.64 -17.94
CA TYR B 116 21.80 11.22 -17.85
C TYR B 116 20.85 10.28 -17.14
N VAL B 117 19.92 10.85 -16.37
CA VAL B 117 18.80 10.09 -15.84
C VAL B 117 17.52 10.84 -16.20
N ALA B 118 16.40 10.14 -16.12
CA ALA B 118 15.12 10.74 -16.43
C ALA B 118 14.12 10.37 -15.36
N CYS B 119 13.12 11.22 -15.19
CA CYS B 119 12.04 10.93 -14.27
C CYS B 119 10.75 11.49 -14.82
N GLY B 120 9.64 10.95 -14.35
CA GLY B 120 8.34 11.40 -14.77
C GLY B 120 7.30 10.98 -13.76
N GLY B 121 6.16 11.63 -13.81
CA GLY B 121 5.08 11.26 -12.92
C GLY B 121 3.80 12.01 -13.15
N LEU B 122 3.03 12.23 -12.07
CA LEU B 122 1.73 12.87 -12.18
C LEU B 122 1.82 14.34 -12.53
N ASP B 123 3.00 14.93 -12.52
CA ASP B 123 3.14 16.32 -12.92
C ASP B 123 3.06 16.49 -14.43
N ASN B 124 3.03 15.39 -15.20
CA ASN B 124 2.93 15.39 -16.65
C ASN B 124 4.17 15.98 -17.33
N ILE B 125 5.34 15.84 -16.72
CA ILE B 125 6.58 16.39 -17.25
C ILE B 125 7.66 15.34 -17.15
N CYS B 126 8.50 15.26 -18.18
CA CYS B 126 9.67 14.38 -18.16
C CYS B 126 10.90 15.22 -17.84
N SER B 127 11.48 15.00 -16.68
CA SER B 127 12.63 15.77 -16.24
C SER B 127 13.90 15.00 -16.54
N ILE B 128 14.80 15.61 -17.30
CA ILE B 128 16.06 15.01 -17.70
C ILE B 128 17.16 15.66 -16.88
N TYR B 129 17.84 14.85 -16.08
CA TYR B 129 18.86 15.29 -15.14
C TYR B 129 20.24 14.92 -15.67
N ASN B 130 21.14 15.91 -15.62
CA ASN B 130 22.50 15.78 -16.11
C ASN B 130 23.40 15.46 -14.94
N LEU B 131 24.14 14.36 -15.04
CA LEU B 131 24.92 13.87 -13.92
C LEU B 131 26.39 14.25 -14.02
N LYS B 132 27.05 13.85 -15.10
CA LYS B 132 28.48 14.09 -15.24
C LYS B 132 28.71 15.54 -15.62
N THR B 133 28.85 16.40 -14.62
CA THR B 133 29.10 17.81 -14.84
C THR B 133 30.32 18.32 -14.07
N ARG B 134 30.58 17.77 -12.89
CA ARG B 134 31.79 18.02 -12.11
C ARG B 134 31.96 19.51 -11.78
N GLU B 135 30.99 20.05 -11.05
CA GLU B 135 31.19 21.31 -10.34
C GLU B 135 30.65 21.29 -8.92
N GLY B 136 29.81 20.32 -8.53
CA GLY B 136 29.37 20.23 -7.16
C GLY B 136 27.88 19.99 -6.98
N ASN B 137 27.13 19.90 -8.07
CA ASN B 137 25.69 19.73 -7.97
C ASN B 137 25.16 19.06 -9.23
N VAL B 138 23.93 18.54 -9.12
CA VAL B 138 23.24 17.88 -10.22
C VAL B 138 22.10 18.78 -10.66
N ARG B 139 22.17 19.23 -11.90
CA ARG B 139 21.26 20.23 -12.44
C ARG B 139 20.17 19.58 -13.28
N VAL B 140 19.06 20.29 -13.43
CA VAL B 140 17.93 19.82 -14.21
C VAL B 140 18.19 20.25 -15.65
N SER B 141 18.69 19.33 -16.46
CA SER B 141 19.07 19.68 -17.82
C SER B 141 17.88 20.12 -18.65
N ARG B 142 16.77 19.39 -18.56
CA ARG B 142 15.62 19.78 -19.37
C ARG B 142 14.33 19.29 -18.72
N GLU B 143 13.23 19.94 -19.10
CA GLU B 143 11.88 19.61 -18.61
C GLU B 143 10.97 19.51 -19.82
N LEU B 144 10.85 18.32 -20.37
CA LEU B 144 9.99 18.10 -21.51
C LEU B 144 8.53 18.15 -21.09
N ALA B 145 7.78 19.08 -21.67
CA ALA B 145 6.40 19.33 -21.29
C ALA B 145 5.51 19.39 -22.52
N GLY B 146 4.28 18.92 -22.36
CA GLY B 146 3.35 18.87 -23.47
C GLY B 146 2.43 17.68 -23.44
N HIS B 147 2.68 16.74 -22.54
CA HIS B 147 1.77 15.62 -22.38
C HIS B 147 0.51 16.06 -21.66
N THR B 148 -0.58 15.35 -21.91
CA THR B 148 -1.87 15.71 -21.34
C THR B 148 -2.20 14.92 -20.07
N GLY B 149 -1.81 13.66 -20.00
CA GLY B 149 -1.94 12.87 -18.80
C GLY B 149 -0.61 12.57 -18.13
N TYR B 150 -0.68 11.70 -17.12
CA TYR B 150 0.51 11.34 -16.36
C TYR B 150 1.44 10.46 -17.18
N LEU B 151 2.74 10.65 -16.97
CA LEU B 151 3.72 9.76 -17.59
C LEU B 151 3.86 8.47 -16.79
N SER B 152 4.17 7.40 -17.51
CA SER B 152 4.24 6.06 -16.95
C SER B 152 5.58 5.37 -17.18
N CYS B 153 6.23 5.63 -18.32
CA CYS B 153 7.53 5.04 -18.58
C CYS B 153 8.24 5.84 -19.66
N CYS B 154 9.51 6.14 -19.42
CA CYS B 154 10.33 6.87 -20.39
C CYS B 154 11.67 6.17 -20.51
N ARG B 155 12.15 6.02 -21.74
CA ARG B 155 13.39 5.31 -21.99
C ARG B 155 14.20 6.00 -23.07
N PHE B 156 15.49 6.14 -22.81
CA PHE B 156 16.39 6.87 -23.70
C PHE B 156 16.77 6.03 -24.90
N LEU B 157 16.85 6.66 -26.07
CA LEU B 157 17.58 6.05 -27.17
C LEU B 157 19.03 6.50 -27.17
N ASP B 158 19.24 7.80 -27.02
CA ASP B 158 20.57 8.39 -26.92
C ASP B 158 20.45 9.67 -26.09
N ASP B 159 21.50 10.48 -26.11
CA ASP B 159 21.55 11.63 -25.22
C ASP B 159 20.65 12.76 -25.65
N ASN B 160 20.04 12.70 -26.83
CA ASN B 160 19.16 13.76 -27.30
C ASN B 160 17.84 13.24 -27.88
N GLN B 161 17.46 12.01 -27.56
CA GLN B 161 16.18 11.47 -28.01
C GLN B 161 15.60 10.60 -26.91
N ILE B 162 14.38 10.91 -26.51
CA ILE B 162 13.68 10.16 -25.47
C ILE B 162 12.31 9.75 -25.97
N VAL B 163 11.80 8.64 -25.45
CA VAL B 163 10.44 8.20 -25.72
C VAL B 163 9.70 8.15 -24.40
N THR B 164 8.45 8.57 -24.42
CA THR B 164 7.63 8.65 -23.22
C THR B 164 6.26 8.04 -23.52
N SER B 165 5.63 7.54 -22.48
CA SER B 165 4.30 6.97 -22.55
C SER B 165 3.45 7.65 -21.51
N SER B 166 2.25 8.10 -21.90
CA SER B 166 1.47 8.94 -21.02
C SER B 166 0.07 8.36 -20.81
N GLY B 167 -0.57 8.86 -19.76
CA GLY B 167 -1.95 8.54 -19.50
C GLY B 167 -2.95 9.20 -20.42
N ASP B 168 -2.50 10.03 -21.36
CA ASP B 168 -3.37 10.63 -22.35
C ASP B 168 -3.58 9.73 -23.55
N THR B 169 -3.35 8.43 -23.38
CA THR B 169 -3.54 7.41 -24.42
C THR B 169 -2.57 7.57 -25.58
N THR B 170 -1.35 8.05 -25.32
CA THR B 170 -0.40 8.29 -26.39
C THR B 170 1.02 7.97 -25.91
N CYS B 171 1.92 7.86 -26.89
CA CYS B 171 3.35 7.87 -26.65
C CYS B 171 3.96 8.97 -27.49
N ALA B 172 5.21 9.31 -27.21
CA ALA B 172 5.83 10.42 -27.91
C ALA B 172 7.34 10.23 -27.98
N LEU B 173 7.95 10.77 -29.03
CA LEU B 173 9.39 10.86 -29.16
C LEU B 173 9.79 12.33 -29.15
N TRP B 174 10.57 12.70 -28.13
CA TRP B 174 11.04 14.05 -27.84
C TRP B 174 12.52 14.20 -28.16
N ASP B 175 12.87 15.38 -28.65
CA ASP B 175 14.26 15.79 -28.82
C ASP B 175 14.62 16.68 -27.65
N ILE B 176 15.69 16.33 -26.94
CA ILE B 176 15.98 16.98 -25.66
C ILE B 176 16.44 18.41 -25.86
N GLU B 177 17.48 18.61 -26.67
CA GLU B 177 18.02 19.95 -26.86
C GLU B 177 16.98 20.87 -27.47
N THR B 178 16.25 20.39 -28.48
CA THR B 178 15.18 21.18 -29.06
C THR B 178 14.10 21.46 -28.02
N GLY B 179 13.69 20.44 -27.28
CA GLY B 179 12.62 20.57 -26.32
C GLY B 179 11.25 20.18 -26.83
N GLN B 180 11.06 20.19 -28.14
CA GLN B 180 9.75 19.93 -28.72
C GLN B 180 9.57 18.44 -28.98
N GLN B 181 8.33 18.06 -29.22
CA GLN B 181 8.02 16.69 -29.62
C GLN B 181 8.33 16.53 -31.10
N THR B 182 9.16 15.56 -31.44
CA THR B 182 9.39 15.26 -32.84
C THR B 182 8.26 14.41 -33.40
N THR B 183 7.84 13.37 -32.68
CA THR B 183 6.75 12.55 -33.19
C THR B 183 5.80 12.17 -32.07
N THR B 184 4.55 11.87 -32.46
CA THR B 184 3.50 11.48 -31.53
C THR B 184 2.86 10.20 -32.04
N PHE B 185 2.80 9.19 -31.18
CA PHE B 185 2.28 7.87 -31.52
C PHE B 185 0.91 7.74 -30.89
N THR B 186 -0.13 7.79 -31.74
CA THR B 186 -1.52 7.77 -31.33
C THR B 186 -2.21 6.58 -31.95
N GLY B 187 -3.21 6.06 -31.26
CA GLY B 187 -3.84 4.83 -31.67
C GLY B 187 -4.27 3.99 -30.50
N HIS B 188 -3.91 4.40 -29.30
CA HIS B 188 -4.30 3.70 -28.08
C HIS B 188 -5.59 4.28 -27.56
N THR B 189 -6.59 3.42 -27.30
CA THR B 189 -7.85 3.91 -26.77
C THR B 189 -7.73 4.29 -25.30
N GLY B 190 -7.09 3.44 -24.51
CA GLY B 190 -6.86 3.73 -23.11
C GLY B 190 -5.44 4.23 -22.86
N ASP B 191 -5.17 4.50 -21.59
CA ASP B 191 -3.90 5.11 -21.23
C ASP B 191 -2.76 4.09 -21.21
N VAL B 192 -1.59 4.53 -21.64
CA VAL B 192 -0.45 3.65 -21.85
C VAL B 192 0.25 3.41 -20.53
N MET B 193 0.57 2.15 -20.24
CA MET B 193 1.27 1.80 -19.01
C MET B 193 2.75 1.59 -19.20
N SER B 194 3.18 0.85 -20.22
CA SER B 194 4.59 0.51 -20.28
C SER B 194 5.11 0.47 -21.70
N LEU B 195 6.36 0.90 -21.89
CA LEU B 195 7.03 0.84 -23.18
C LEU B 195 8.41 0.22 -23.02
N SER B 196 8.79 -0.59 -24.00
CA SER B 196 10.09 -1.25 -24.02
C SER B 196 10.72 -1.04 -25.38
N LEU B 197 11.97 -0.58 -25.37
CA LEU B 197 12.68 -0.28 -26.60
C LEU B 197 13.35 -1.53 -27.12
N ALA B 198 13.44 -1.62 -28.44
CA ALA B 198 14.02 -2.78 -29.04
C ALA B 198 15.50 -2.85 -28.69
N PRO B 199 16.09 -4.04 -28.71
CA PRO B 199 17.54 -4.11 -28.55
C PRO B 199 18.31 -3.33 -29.60
N ASP B 200 17.79 -3.28 -30.83
CA ASP B 200 18.44 -2.52 -31.89
C ASP B 200 17.98 -1.06 -31.96
N THR B 201 17.12 -0.63 -31.02
CA THR B 201 16.65 0.74 -30.93
C THR B 201 15.95 1.17 -32.21
N ARG B 202 15.28 0.23 -32.87
CA ARG B 202 14.64 0.48 -34.16
C ARG B 202 13.13 0.53 -34.09
N LEU B 203 12.52 -0.20 -33.15
CA LEU B 203 11.10 -0.21 -32.92
C LEU B 203 10.89 -0.08 -31.42
N PHE B 204 9.64 0.08 -30.98
CA PHE B 204 9.40 -0.12 -29.55
C PHE B 204 7.96 -0.52 -29.29
N VAL B 205 7.79 -1.36 -28.30
CA VAL B 205 6.49 -1.93 -27.99
C VAL B 205 5.88 -1.19 -26.81
N SER B 206 4.56 -1.08 -26.81
CA SER B 206 3.85 -0.35 -25.78
C SER B 206 2.56 -1.07 -25.42
N GLY B 207 2.27 -1.11 -24.14
CA GLY B 207 1.08 -1.78 -23.65
C GLY B 207 0.29 -0.88 -22.74
N ALA B 208 -1.04 -0.90 -22.92
CA ALA B 208 -1.91 0.10 -22.31
C ALA B 208 -3.06 -0.55 -21.56
N CYS B 209 -3.93 0.28 -21.00
CA CYS B 209 -5.00 -0.21 -20.13
C CYS B 209 -6.03 -0.98 -20.93
N ASP B 210 -6.44 -0.47 -22.08
CA ASP B 210 -7.15 -1.34 -23.01
C ASP B 210 -6.26 -2.52 -23.29
N ALA B 211 -6.85 -3.72 -23.32
CA ALA B 211 -6.01 -4.91 -23.35
C ALA B 211 -5.30 -5.01 -24.68
N SER B 212 -4.25 -4.22 -24.84
CA SER B 212 -3.62 -4.07 -26.15
C SER B 212 -2.17 -3.62 -26.04
N ALA B 213 -1.33 -4.25 -26.86
CA ALA B 213 0.05 -3.85 -27.05
C ALA B 213 0.28 -3.67 -28.55
N LYS B 214 1.27 -2.84 -28.87
CA LYS B 214 1.55 -2.49 -30.25
C LYS B 214 3.04 -2.24 -30.44
N LEU B 215 3.52 -2.42 -31.66
CA LEU B 215 4.81 -1.88 -32.07
C LEU B 215 4.64 -0.51 -32.68
N TRP B 216 5.61 0.35 -32.42
CA TRP B 216 5.66 1.67 -33.00
C TRP B 216 7.01 1.82 -33.69
N ASP B 217 6.97 2.20 -34.95
CA ASP B 217 8.18 2.48 -35.69
C ASP B 217 8.66 3.89 -35.35
N VAL B 218 9.86 3.98 -34.80
CA VAL B 218 10.34 5.26 -34.28
C VAL B 218 10.48 6.29 -35.38
N ARG B 219 11.07 5.90 -36.52
CA ARG B 219 11.36 6.88 -37.56
C ARG B 219 10.25 7.03 -38.58
N GLU B 220 9.10 6.40 -38.38
CA GLU B 220 7.96 6.67 -39.24
C GLU B 220 6.76 7.23 -38.49
N GLY B 221 6.72 7.12 -37.17
CA GLY B 221 5.65 7.70 -36.40
C GLY B 221 4.35 6.94 -36.46
N MET B 222 4.32 5.79 -37.10
CA MET B 222 3.11 5.04 -37.34
C MET B 222 3.12 3.72 -36.57
N CYS B 223 1.94 3.22 -36.25
CA CYS B 223 1.86 1.92 -35.62
C CYS B 223 2.20 0.84 -36.63
N ARG B 224 2.58 -0.32 -36.13
CA ARG B 224 3.10 -1.39 -36.98
C ARG B 224 2.27 -2.65 -36.92
N GLN B 225 1.98 -3.14 -35.72
CA GLN B 225 1.12 -4.28 -35.51
C GLN B 225 0.27 -4.00 -34.29
N THR B 226 -0.71 -4.87 -34.02
CA THR B 226 -1.44 -4.79 -32.77
C THR B 226 -1.75 -6.19 -32.29
N PHE B 227 -1.90 -6.33 -30.98
CA PHE B 227 -2.05 -7.63 -30.35
C PHE B 227 -3.08 -7.54 -29.24
N THR B 228 -3.97 -8.52 -29.20
CA THR B 228 -4.99 -8.61 -28.17
C THR B 228 -4.93 -9.99 -27.56
N GLY B 229 -5.77 -10.22 -26.56
CA GLY B 229 -5.79 -11.49 -25.88
C GLY B 229 -5.98 -11.32 -24.39
N HIS B 230 -5.65 -10.15 -23.89
CA HIS B 230 -5.77 -9.93 -22.45
C HIS B 230 -7.19 -9.54 -22.08
N GLU B 231 -7.50 -9.67 -20.79
CA GLU B 231 -8.81 -9.37 -20.25
C GLU B 231 -8.91 -8.00 -19.62
N SER B 232 -7.78 -7.40 -19.24
CA SER B 232 -7.81 -6.16 -18.49
C SER B 232 -6.56 -5.36 -18.83
N ASP B 233 -6.23 -4.40 -18.00
CA ASP B 233 -5.09 -3.53 -18.25
C ASP B 233 -3.80 -4.32 -18.34
N ILE B 234 -2.96 -3.96 -19.31
CA ILE B 234 -1.58 -4.42 -19.39
C ILE B 234 -0.73 -3.47 -18.56
N ASN B 235 0.00 -4.02 -17.59
CA ASN B 235 0.74 -3.22 -16.63
C ASN B 235 2.23 -3.13 -16.92
N ALA B 236 2.82 -4.14 -17.55
CA ALA B 236 4.24 -4.12 -17.84
C ALA B 236 4.48 -4.77 -19.19
N ILE B 237 5.65 -4.47 -19.75
CA ILE B 237 6.02 -4.94 -21.07
C ILE B 237 7.53 -4.87 -21.16
N CYS B 238 8.12 -5.81 -21.89
CA CYS B 238 9.57 -5.83 -22.01
C CYS B 238 9.94 -6.66 -23.23
N PHE B 239 11.00 -6.24 -23.92
CA PHE B 239 11.48 -6.98 -25.06
C PHE B 239 12.31 -8.18 -24.63
N PHE B 240 12.07 -9.30 -25.29
CA PHE B 240 12.92 -10.47 -25.36
C PHE B 240 14.31 -9.99 -25.77
N PRO B 241 15.38 -10.73 -25.46
CA PRO B 241 16.73 -10.23 -25.80
C PRO B 241 16.92 -9.86 -27.26
N ASN B 242 15.96 -10.15 -28.14
CA ASN B 242 15.95 -9.60 -29.48
C ASN B 242 14.55 -9.09 -29.77
N GLY B 243 14.44 -8.22 -30.77
CA GLY B 243 13.16 -7.64 -31.12
C GLY B 243 12.28 -8.59 -31.88
N ASN B 244 12.21 -9.83 -31.43
CA ASN B 244 11.38 -10.86 -32.05
C ASN B 244 10.37 -11.44 -31.09
N ALA B 245 10.24 -10.86 -29.90
CA ALA B 245 9.20 -11.25 -28.96
C ALA B 245 9.09 -10.17 -27.89
N PHE B 246 8.03 -10.27 -27.10
CA PHE B 246 7.86 -9.42 -25.92
C PHE B 246 6.78 -10.00 -25.04
N ALA B 247 6.93 -9.81 -23.74
CA ALA B 247 6.05 -10.44 -22.76
C ALA B 247 5.25 -9.37 -22.05
N THR B 248 3.95 -9.60 -21.93
CA THR B 248 3.03 -8.64 -21.33
C THR B 248 2.37 -9.27 -20.13
N GLY B 249 2.45 -8.59 -18.99
CA GLY B 249 1.77 -8.99 -17.79
C GLY B 249 0.59 -8.07 -17.57
N SER B 250 -0.58 -8.66 -17.41
CA SER B 250 -1.80 -7.87 -17.34
C SER B 250 -2.40 -7.93 -15.95
N ASP B 251 -3.42 -7.10 -15.75
CA ASP B 251 -4.09 -6.98 -14.47
C ASP B 251 -5.11 -8.07 -14.23
N ASP B 252 -5.20 -9.06 -15.12
CA ASP B 252 -6.04 -10.23 -14.92
C ASP B 252 -5.25 -11.40 -14.35
N ALA B 253 -4.09 -11.12 -13.73
CA ALA B 253 -3.25 -12.14 -13.10
C ALA B 253 -2.68 -13.12 -14.12
N THR B 254 -2.40 -12.66 -15.33
CA THR B 254 -1.86 -13.53 -16.37
C THR B 254 -0.73 -12.84 -17.10
N CYS B 255 0.30 -13.61 -17.45
CA CYS B 255 1.32 -13.20 -18.37
C CYS B 255 1.08 -13.83 -19.73
N ARG B 256 1.60 -13.19 -20.77
CA ARG B 256 1.50 -13.76 -22.10
C ARG B 256 2.73 -13.37 -22.90
N LEU B 257 3.05 -14.20 -23.89
CA LEU B 257 4.19 -13.99 -24.77
C LEU B 257 3.69 -13.72 -26.18
N PHE B 258 4.13 -12.61 -26.76
CA PHE B 258 3.71 -12.19 -28.09
C PHE B 258 4.92 -12.15 -29.00
N ASP B 259 4.84 -12.85 -30.12
CA ASP B 259 5.81 -12.70 -31.19
C ASP B 259 5.41 -11.54 -32.11
N LEU B 260 6.34 -11.12 -32.96
CA LEU B 260 6.08 -10.07 -33.93
C LEU B 260 6.27 -10.54 -35.36
N ARG B 261 6.56 -11.82 -35.57
CA ARG B 261 6.49 -12.43 -36.90
C ARG B 261 5.16 -13.15 -37.09
N ALA B 262 4.80 -14.01 -36.13
CA ALA B 262 3.54 -14.73 -36.22
C ALA B 262 2.35 -13.82 -36.00
N ASP B 263 2.54 -12.74 -35.24
CA ASP B 263 1.45 -11.81 -34.92
C ASP B 263 0.29 -12.54 -34.27
N GLN B 264 0.56 -13.13 -33.11
CA GLN B 264 -0.36 -14.03 -32.44
C GLN B 264 0.20 -14.34 -31.07
N GLU B 265 -0.69 -14.61 -30.11
CA GLU B 265 -0.25 -15.01 -28.79
C GLU B 265 0.58 -16.27 -28.89
N LEU B 266 1.54 -16.44 -27.98
CA LEU B 266 2.38 -17.63 -27.99
C LEU B 266 2.16 -18.50 -26.77
N MET B 267 2.38 -17.98 -25.57
CA MET B 267 2.08 -18.70 -24.34
C MET B 267 1.32 -17.82 -23.35
N THR B 268 0.60 -18.49 -22.47
CA THR B 268 -0.17 -17.88 -21.40
C THR B 268 0.31 -18.46 -20.07
N TYR B 269 1.00 -17.66 -19.28
CA TYR B 269 1.47 -18.10 -17.98
C TYR B 269 0.43 -17.69 -16.95
N SER B 270 -0.11 -18.67 -16.24
CA SER B 270 -1.10 -18.42 -15.21
C SER B 270 -1.16 -19.61 -14.28
N HIS B 271 -1.86 -19.42 -13.17
CA HIS B 271 -2.11 -20.45 -12.18
C HIS B 271 -3.51 -20.22 -11.63
N ASP B 272 -4.14 -21.29 -11.17
CA ASP B 272 -5.43 -21.14 -10.52
C ASP B 272 -5.31 -20.30 -9.25
N ASN B 273 -4.22 -20.51 -8.51
CA ASN B 273 -4.01 -19.77 -7.27
C ASN B 273 -3.84 -18.28 -7.51
N ILE B 274 -3.11 -17.91 -8.56
CA ILE B 274 -2.81 -16.50 -8.81
C ILE B 274 -4.11 -15.77 -9.12
N ILE B 275 -4.44 -14.79 -8.29
CA ILE B 275 -5.63 -13.96 -8.50
C ILE B 275 -5.19 -12.50 -8.53
N CYS B 276 -4.08 -12.20 -7.86
CA CYS B 276 -3.56 -10.84 -7.86
C CYS B 276 -2.84 -10.55 -9.17
N GLY B 277 -2.87 -9.29 -9.57
CA GLY B 277 -2.34 -8.89 -10.86
C GLY B 277 -0.83 -8.94 -10.97
N ILE B 278 -0.28 -8.22 -11.95
CA ILE B 278 1.13 -8.26 -12.27
C ILE B 278 1.60 -6.83 -12.47
N THR B 279 2.81 -6.52 -11.99
CA THR B 279 3.28 -5.14 -12.02
C THR B 279 4.46 -4.92 -12.96
N SER B 280 5.52 -5.72 -12.88
CA SER B 280 6.69 -5.53 -13.72
C SER B 280 7.17 -6.86 -14.28
N VAL B 281 7.63 -6.87 -15.52
CA VAL B 281 8.24 -8.05 -16.12
C VAL B 281 9.60 -7.69 -16.69
N SER B 282 10.48 -8.68 -16.76
CA SER B 282 11.78 -8.54 -17.39
C SER B 282 12.26 -9.91 -17.83
N PHE B 283 13.22 -9.93 -18.77
CA PHE B 283 13.82 -11.16 -19.25
C PHE B 283 15.29 -11.23 -18.87
N SER B 284 15.75 -12.43 -18.52
CA SER B 284 17.16 -12.65 -18.37
C SER B 284 17.85 -12.57 -19.72
N LYS B 285 19.18 -12.64 -19.71
CA LYS B 285 19.92 -12.52 -20.96
C LYS B 285 20.06 -13.88 -21.63
N SER B 286 18.96 -14.61 -21.68
CA SER B 286 18.85 -15.81 -22.49
C SER B 286 17.49 -16.00 -23.11
N GLY B 287 16.51 -15.17 -22.79
CA GLY B 287 15.14 -15.48 -23.14
C GLY B 287 14.58 -16.67 -22.41
N ARG B 288 15.20 -17.09 -21.31
CA ARG B 288 14.78 -18.29 -20.61
C ARG B 288 14.33 -18.04 -19.19
N LEU B 289 14.39 -16.81 -18.70
CA LEU B 289 13.91 -16.50 -17.36
C LEU B 289 13.11 -15.21 -17.40
N LEU B 290 11.78 -15.33 -17.36
CA LEU B 290 10.88 -14.18 -17.34
C LEU B 290 10.49 -13.90 -15.89
N LEU B 291 10.98 -12.80 -15.35
CA LEU B 291 10.74 -12.46 -13.97
C LEU B 291 9.59 -11.47 -13.90
N ALA B 292 8.69 -11.69 -12.94
CA ALA B 292 7.47 -10.89 -12.87
C ALA B 292 7.07 -10.62 -11.43
N GLY B 293 6.87 -9.35 -11.10
CA GLY B 293 6.38 -8.99 -9.79
C GLY B 293 4.86 -9.02 -9.73
N TYR B 294 4.32 -9.22 -8.53
CA TYR B 294 2.89 -9.36 -8.35
C TYR B 294 2.44 -8.45 -7.22
N ASP B 295 1.11 -8.24 -7.14
CA ASP B 295 0.53 -7.55 -6.01
C ASP B 295 0.38 -8.44 -4.79
N ASP B 296 0.73 -9.73 -4.91
CA ASP B 296 0.74 -10.67 -3.80
C ASP B 296 1.97 -10.50 -2.92
N PHE B 297 2.66 -9.38 -3.04
CA PHE B 297 3.87 -9.09 -2.28
C PHE B 297 5.00 -10.06 -2.60
N ASN B 298 5.04 -10.56 -3.83
CA ASN B 298 6.08 -11.50 -4.20
C ASN B 298 6.34 -11.43 -5.70
N CYS B 299 7.52 -11.92 -6.08
CA CYS B 299 7.95 -12.00 -7.47
C CYS B 299 8.11 -13.46 -7.84
N ASN B 300 7.66 -13.81 -9.04
CA ASN B 300 7.78 -15.16 -9.54
C ASN B 300 8.73 -15.21 -10.72
N VAL B 301 9.52 -16.25 -10.77
CA VAL B 301 10.29 -16.61 -11.93
C VAL B 301 9.41 -17.48 -12.82
N TRP B 302 9.54 -17.29 -14.13
CA TRP B 302 8.83 -18.10 -15.10
C TRP B 302 9.83 -18.50 -16.16
N ASP B 303 9.54 -19.57 -16.88
CA ASP B 303 10.33 -19.91 -18.05
C ASP B 303 9.46 -19.74 -19.29
N ALA B 304 10.05 -19.19 -20.34
CA ALA B 304 9.31 -18.70 -21.48
C ALA B 304 9.09 -19.76 -22.54
N LEU B 305 9.55 -20.99 -22.30
CA LEU B 305 9.34 -22.08 -23.24
C LEU B 305 8.53 -23.22 -22.68
N LYS B 306 8.14 -23.19 -21.40
CA LYS B 306 7.41 -24.30 -20.81
C LYS B 306 6.21 -23.88 -19.98
N ALA B 307 6.08 -22.60 -19.62
CA ALA B 307 4.91 -22.09 -18.91
C ALA B 307 4.71 -22.79 -17.57
N ASP B 308 5.81 -23.07 -16.89
CA ASP B 308 5.79 -23.55 -15.51
C ASP B 308 6.53 -22.54 -14.66
N ARG B 309 6.18 -22.47 -13.37
CA ARG B 309 6.84 -21.51 -12.50
C ARG B 309 8.34 -21.68 -12.53
N ALA B 310 8.82 -22.84 -12.09
CA ALA B 310 10.25 -23.13 -12.04
C ALA B 310 11.01 -22.09 -11.23
N GLY B 311 10.32 -21.34 -10.39
CA GLY B 311 10.98 -20.38 -9.53
C GLY B 311 10.02 -19.45 -8.81
N VAL B 312 10.33 -19.17 -7.55
CA VAL B 312 9.60 -18.21 -6.73
C VAL B 312 10.62 -17.30 -6.09
N LEU B 313 10.17 -16.11 -5.72
CA LEU B 313 11.10 -15.14 -5.15
C LEU B 313 10.38 -14.19 -4.21
N ALA B 314 10.39 -14.48 -2.93
CA ALA B 314 9.65 -13.70 -1.94
C ALA B 314 10.59 -12.98 -1.00
N GLY B 315 10.02 -12.11 -0.17
CA GLY B 315 10.85 -11.33 0.73
C GLY B 315 10.47 -9.88 0.87
N HIS B 316 9.37 -9.46 0.26
CA HIS B 316 8.92 -8.09 0.34
C HIS B 316 7.65 -8.01 1.18
N ASP B 317 7.56 -6.99 2.02
CA ASP B 317 6.41 -6.83 2.89
C ASP B 317 5.22 -6.18 2.20
N ASN B 318 5.39 -5.62 1.01
CA ASN B 318 4.33 -4.92 0.32
C ASN B 318 4.42 -5.26 -1.16
N ARG B 319 3.67 -4.51 -1.97
CA ARG B 319 3.57 -4.77 -3.40
C ARG B 319 4.91 -4.56 -4.09
N VAL B 320 5.26 -5.49 -4.96
CA VAL B 320 6.51 -5.40 -5.72
C VAL B 320 6.24 -4.57 -6.98
N SER B 321 6.95 -3.45 -7.10
CA SER B 321 6.59 -2.41 -8.05
C SER B 321 7.65 -2.18 -9.13
N CYS B 322 8.77 -2.89 -9.10
CA CYS B 322 9.86 -2.65 -10.02
C CYS B 322 10.56 -3.97 -10.29
N LEU B 323 11.31 -4.01 -11.38
CA LEU B 323 12.07 -5.20 -11.72
C LEU B 323 13.02 -4.87 -12.86
N GLY B 324 14.25 -5.38 -12.78
CA GLY B 324 15.19 -5.18 -13.86
C GLY B 324 16.43 -6.02 -13.75
N VAL B 325 16.77 -6.71 -14.82
CA VAL B 325 17.96 -7.52 -14.87
C VAL B 325 19.09 -6.67 -15.41
N THR B 326 20.32 -7.13 -15.23
CA THR B 326 21.46 -6.39 -15.71
C THR B 326 21.76 -6.77 -17.16
N ASP B 327 22.58 -5.94 -17.80
CA ASP B 327 22.94 -6.21 -19.19
C ASP B 327 23.83 -7.44 -19.31
N ASP B 328 24.57 -7.76 -18.26
CA ASP B 328 25.40 -8.96 -18.24
C ASP B 328 24.73 -10.13 -17.54
N GLY B 329 23.47 -9.97 -17.11
CA GLY B 329 22.72 -11.08 -16.55
C GLY B 329 23.09 -11.47 -15.15
N MET B 330 23.85 -10.64 -14.43
CA MET B 330 24.43 -11.07 -13.18
C MET B 330 23.55 -10.83 -11.96
N ALA B 331 22.63 -9.87 -12.01
CA ALA B 331 21.85 -9.55 -10.82
C ALA B 331 20.39 -9.35 -11.20
N VAL B 332 19.55 -9.16 -10.18
CA VAL B 332 18.14 -8.82 -10.38
C VAL B 332 17.71 -7.86 -9.28
N ALA B 333 17.32 -6.65 -9.64
CA ALA B 333 16.88 -5.67 -8.67
C ALA B 333 15.37 -5.69 -8.58
N THR B 334 14.84 -5.68 -7.36
CA THR B 334 13.41 -5.57 -7.15
C THR B 334 13.16 -4.45 -6.15
N GLY B 335 12.35 -3.48 -6.53
CA GLY B 335 11.91 -2.42 -5.64
C GLY B 335 10.43 -2.60 -5.36
N SER B 336 10.03 -2.33 -4.13
CA SER B 336 8.67 -2.57 -3.70
C SER B 336 8.15 -1.37 -2.94
N TRP B 337 6.92 -1.49 -2.45
CA TRP B 337 6.27 -0.41 -1.75
C TRP B 337 6.72 -0.27 -0.31
N ASP B 338 7.56 -1.18 0.16
CA ASP B 338 8.13 -1.10 1.50
C ASP B 338 9.45 -0.34 1.54
N SER B 339 9.83 0.28 0.42
CA SER B 339 10.97 1.18 0.29
C SER B 339 12.31 0.47 0.27
N PHE B 340 12.35 -0.82 -0.02
CA PHE B 340 13.58 -1.58 -0.04
C PHE B 340 13.92 -1.99 -1.47
N LEU B 341 15.20 -1.97 -1.80
CA LEU B 341 15.66 -2.44 -3.09
C LEU B 341 16.48 -3.71 -2.86
N LYS B 342 15.97 -4.84 -3.32
CA LYS B 342 16.61 -6.12 -3.09
C LYS B 342 17.36 -6.53 -4.36
N ILE B 343 18.67 -6.65 -4.25
CA ILE B 343 19.50 -7.12 -5.35
C ILE B 343 19.73 -8.60 -5.11
N TRP B 344 19.11 -9.42 -5.96
CA TRP B 344 19.15 -10.86 -5.87
C TRP B 344 20.15 -11.44 -6.84
N ASN B 345 20.82 -12.51 -6.43
CA ASN B 345 21.68 -13.29 -7.30
C ASN B 345 21.55 -14.75 -6.91
N GLY B 346 21.79 -15.63 -7.88
CA GLY B 346 21.76 -17.05 -7.61
C GLY B 346 23.08 -17.55 -7.03
N SER B 347 23.09 -18.83 -6.67
CA SER B 347 24.28 -19.46 -6.11
C SER B 347 24.39 -20.87 -6.67
N SER B 348 25.63 -21.36 -6.73
CA SER B 348 25.87 -22.72 -7.23
C SER B 348 25.98 -23.70 -6.08
N CYS C 50 3.80 -19.93 61.47
CA CYS C 50 4.00 -20.08 60.02
C CYS C 50 5.47 -20.36 59.71
N GLU C 51 5.71 -21.29 58.79
CA GLU C 51 7.04 -21.77 58.47
C GLU C 51 7.46 -21.29 57.09
N GLN C 52 8.75 -20.96 56.95
CA GLN C 52 9.27 -20.47 55.69
C GLN C 52 9.01 -21.49 54.58
N VAL C 53 8.54 -21.00 53.44
CA VAL C 53 8.12 -21.85 52.34
C VAL C 53 9.26 -21.98 51.35
N PHE C 54 9.60 -23.22 51.01
CA PHE C 54 10.58 -23.54 49.98
C PHE C 54 9.89 -24.12 48.77
N ILE C 55 10.46 -23.86 47.60
CA ILE C 55 9.94 -24.38 46.34
C ILE C 55 11.08 -24.97 45.53
N LYS C 56 10.75 -25.91 44.66
CA LYS C 56 11.77 -26.67 43.96
C LYS C 56 12.56 -25.78 43.01
N PRO C 57 13.86 -26.04 42.82
CA PRO C 57 14.62 -25.28 41.83
C PRO C 57 14.16 -25.51 40.41
N GLU C 58 13.45 -26.61 40.15
CA GLU C 58 12.96 -26.89 38.82
C GLU C 58 12.04 -25.79 38.32
N VAL C 59 11.26 -25.18 39.22
CA VAL C 59 10.36 -24.09 38.83
C VAL C 59 11.17 -22.93 38.27
N PHE C 60 12.19 -22.50 39.01
CA PHE C 60 13.00 -21.38 38.58
C PHE C 60 13.69 -21.67 37.26
N LEU C 61 14.25 -22.88 37.13
CA LEU C 61 14.94 -23.23 35.88
C LEU C 61 13.99 -23.24 34.70
N SER C 62 12.81 -23.85 34.87
CA SER C 62 11.86 -23.95 33.76
C SER C 62 11.39 -22.58 33.32
N LEU C 63 11.00 -21.74 34.28
CA LEU C 63 10.54 -20.41 33.92
C LEU C 63 11.64 -19.60 33.27
N GLY C 64 12.87 -19.74 33.75
CA GLY C 64 13.97 -19.02 33.15
C GLY C 64 14.18 -19.42 31.70
N ILE C 65 14.15 -20.73 31.43
CA ILE C 65 14.36 -21.19 30.05
C ILE C 65 13.26 -20.69 29.15
N VAL C 66 12.01 -20.82 29.58
CA VAL C 66 10.89 -20.43 28.72
C VAL C 66 10.91 -18.93 28.44
N SER C 67 11.15 -18.12 29.48
CA SER C 67 11.16 -16.68 29.29
C SER C 67 12.33 -16.24 28.43
N LEU C 68 13.51 -16.83 28.61
CA LEU C 68 14.64 -16.48 27.75
C LEU C 68 14.34 -16.81 26.31
N LEU C 69 13.72 -17.97 26.06
CA LEU C 69 13.33 -18.33 24.71
C LEU C 69 12.41 -17.27 24.11
N GLU C 70 11.37 -16.89 24.85
CA GLU C 70 10.39 -15.95 24.31
C GLU C 70 11.03 -14.60 24.02
N ASN C 71 11.88 -14.12 24.92
CA ASN C 71 12.43 -12.77 24.74
C ASN C 71 13.47 -12.73 23.63
N ILE C 72 14.29 -13.77 23.50
CA ILE C 72 15.19 -13.86 22.35
C ILE C 72 14.37 -13.90 21.07
N LEU C 73 13.25 -14.64 21.08
CA LEU C 73 12.42 -14.69 19.89
C LEU C 73 11.87 -13.31 19.54
N VAL C 74 11.47 -12.54 20.56
CA VAL C 74 10.95 -11.20 20.31
C VAL C 74 12.02 -10.30 19.71
N ILE C 75 13.24 -10.36 20.27
CA ILE C 75 14.27 -9.45 19.78
C ILE C 75 14.69 -9.82 18.36
N LEU C 76 14.77 -11.12 18.06
CA LEU C 76 15.06 -11.52 16.68
C LEU C 76 13.92 -11.14 15.74
N ALA C 77 12.67 -11.29 16.19
CA ALA C 77 11.55 -10.93 15.33
C ALA C 77 11.53 -9.45 15.02
N VAL C 78 11.97 -8.62 15.95
CA VAL C 78 12.09 -7.19 15.67
C VAL C 78 13.23 -6.93 14.70
N VAL C 79 14.38 -7.58 14.93
CA VAL C 79 15.54 -7.31 14.07
C VAL C 79 15.32 -7.80 12.65
N ARG C 80 14.52 -8.85 12.46
CA ARG C 80 14.32 -9.45 11.14
C ARG C 80 13.14 -8.85 10.40
N ASN C 81 12.83 -7.58 10.62
CA ASN C 81 11.72 -6.95 9.91
C ASN C 81 12.00 -5.46 9.76
N GLY C 82 12.13 -5.00 8.52
CA GLY C 82 12.58 -3.64 8.27
C GLY C 82 11.59 -2.58 8.72
N ASN C 83 10.30 -2.84 8.53
CA ASN C 83 9.28 -1.81 8.77
C ASN C 83 9.10 -1.49 10.24
N LEU C 84 9.89 -2.04 11.15
CA LEU C 84 9.64 -1.94 12.59
C LEU C 84 10.85 -1.40 13.32
N HIS C 85 11.40 -0.31 12.80
CA HIS C 85 12.45 0.45 13.48
C HIS C 85 11.94 1.81 13.93
N SER C 86 10.72 1.83 14.46
CA SER C 86 10.12 3.00 15.07
C SER C 86 10.44 3.03 16.55
N PRO C 87 10.21 4.15 17.23
CA PRO C 87 10.50 4.19 18.67
C PRO C 87 9.66 3.23 19.49
N MET C 88 8.54 2.76 18.97
CA MET C 88 7.67 1.92 19.80
C MET C 88 8.18 0.51 19.97
N TYR C 89 9.08 0.05 19.10
CA TYR C 89 9.61 -1.30 19.20
C TYR C 89 10.97 -1.36 19.87
N PHE C 90 11.67 -0.23 19.95
CA PHE C 90 12.89 -0.17 20.76
C PHE C 90 12.57 -0.41 22.22
N PHE C 91 11.45 0.15 22.71
CA PHE C 91 11.03 -0.11 24.08
C PHE C 91 10.68 -1.57 24.30
N LEU C 92 10.05 -2.20 23.31
CA LEU C 92 9.75 -3.62 23.43
C LEU C 92 11.02 -4.46 23.49
N CYS C 93 12.02 -4.12 22.67
CA CYS C 93 13.29 -4.82 22.75
C CYS C 93 13.96 -4.61 24.11
N SER C 94 13.91 -3.39 24.63
CA SER C 94 14.46 -3.11 25.95
C SER C 94 13.77 -3.95 27.02
N LEU C 95 12.45 -4.06 26.92
CA LEU C 95 11.70 -4.84 27.89
C LEU C 95 12.05 -6.33 27.78
N ALA C 96 12.28 -6.80 26.54
CA ALA C 96 12.70 -8.19 26.37
C ALA C 96 14.06 -8.43 27.01
N VAL C 97 14.97 -7.47 26.90
CA VAL C 97 16.27 -7.57 27.55
C VAL C 97 16.11 -7.63 29.07
N ALA C 98 15.26 -6.76 29.61
CA ALA C 98 15.05 -6.77 31.06
C ALA C 98 14.48 -8.10 31.52
N ASP C 99 13.48 -8.61 30.80
CA ASP C 99 12.88 -9.88 31.19
C ASP C 99 13.88 -11.03 31.12
N MET C 100 14.69 -11.06 30.06
CA MET C 100 15.66 -12.15 29.96
C MET C 100 16.72 -12.05 31.03
N LEU C 101 17.10 -10.84 31.43
CA LEU C 101 18.07 -10.74 32.51
C LEU C 101 17.48 -11.20 33.84
N VAL C 102 16.21 -10.85 34.11
CA VAL C 102 15.56 -11.39 35.31
C VAL C 102 15.63 -12.91 35.30
N SER C 103 15.22 -13.50 34.18
CA SER C 103 15.14 -14.95 34.09
C SER C 103 16.50 -15.60 34.26
N VAL C 104 17.50 -15.17 33.49
CA VAL C 104 18.78 -15.84 33.53
C VAL C 104 19.48 -15.61 34.86
N SER C 105 19.29 -14.43 35.46
CA SER C 105 19.92 -14.19 36.75
C SER C 105 19.35 -15.13 37.79
N ASN C 106 18.03 -15.26 37.84
CA ASN C 106 17.44 -16.16 38.82
C ASN C 106 17.81 -17.60 38.50
N ALA C 107 18.00 -17.94 37.23
CA ALA C 107 18.37 -19.29 36.87
C ALA C 107 19.79 -19.63 37.34
N LEU C 108 20.73 -18.71 37.12
CA LEU C 108 22.10 -18.95 37.58
C LEU C 108 22.14 -19.05 39.09
N GLU C 109 21.43 -18.16 39.79
CA GLU C 109 21.44 -18.25 41.24
C GLU C 109 20.75 -19.52 41.72
N THR C 110 19.78 -20.03 40.96
CA THR C 110 19.14 -21.29 41.32
C THR C 110 20.10 -22.46 41.18
N ILE C 111 20.80 -22.55 40.04
CA ILE C 111 21.79 -23.60 39.85
C ILE C 111 22.86 -23.53 40.93
N MET C 112 23.26 -22.32 41.31
CA MET C 112 24.30 -22.22 42.30
C MET C 112 23.81 -22.53 43.71
N ILE C 113 22.55 -22.21 44.03
CA ILE C 113 21.97 -22.72 45.27
C ILE C 113 22.03 -24.25 45.28
N ALA C 114 21.74 -24.86 44.13
CA ALA C 114 21.85 -26.31 44.05
C ALA C 114 23.27 -26.78 44.28
N ILE C 115 24.25 -26.10 43.67
CA ILE C 115 25.64 -26.54 43.79
C ILE C 115 26.17 -26.34 45.19
N VAL C 116 25.62 -25.38 45.94
CA VAL C 116 26.11 -25.13 47.30
C VAL C 116 25.42 -26.04 48.30
N HIS C 117 24.09 -26.17 48.21
CA HIS C 117 23.39 -27.03 49.15
C HIS C 117 23.86 -28.47 49.03
N SER C 118 24.06 -28.95 47.81
CA SER C 118 24.68 -30.25 47.62
C SER C 118 26.14 -30.22 48.06
N ASP C 119 26.61 -31.34 48.57
CA ASP C 119 27.96 -31.42 49.10
C ASP C 119 29.03 -31.26 48.03
N TYR C 120 28.67 -31.36 46.75
CA TYR C 120 29.66 -31.29 45.68
C TYR C 120 30.34 -29.92 45.68
N LEU C 121 31.67 -29.94 45.60
CA LEU C 121 32.49 -28.74 45.51
C LEU C 121 32.16 -27.76 46.62
N THR C 122 32.47 -28.18 47.85
CA THR C 122 32.24 -27.35 49.01
C THR C 122 33.03 -26.06 48.89
N PHE C 123 32.34 -24.95 48.68
CA PHE C 123 33.01 -23.67 48.53
C PHE C 123 33.32 -23.07 49.89
N GLU C 124 34.33 -22.21 49.91
CA GLU C 124 34.67 -21.50 51.13
C GLU C 124 33.54 -20.56 51.50
N ASP C 125 33.40 -20.32 52.80
CA ASP C 125 32.33 -19.43 53.27
C ASP C 125 32.47 -18.05 52.66
N GLN C 126 33.69 -17.58 52.48
CA GLN C 126 33.88 -16.22 51.97
C GLN C 126 33.44 -16.11 50.52
N PHE C 127 33.65 -17.15 49.71
CA PHE C 127 33.39 -17.03 48.29
C PHE C 127 31.93 -16.73 48.00
N ILE C 128 31.04 -17.38 48.75
CA ILE C 128 29.64 -17.38 48.39
C ILE C 128 29.03 -16.00 48.56
N GLN C 129 29.47 -15.24 49.58
CA GLN C 129 28.89 -13.92 49.78
C GLN C 129 29.29 -12.94 48.69
N HIS C 130 30.60 -12.79 48.46
CA HIS C 130 31.08 -11.85 47.45
C HIS C 130 30.59 -12.23 46.07
N MET C 131 30.46 -13.52 45.81
CA MET C 131 30.03 -13.94 44.49
C MET C 131 28.52 -14.03 44.38
N ASP C 132 27.80 -13.91 45.49
CA ASP C 132 26.36 -13.69 45.47
C ASP C 132 26.01 -12.28 45.09
N ASN C 133 26.65 -11.30 45.75
CA ASN C 133 26.27 -9.92 45.57
C ASN C 133 26.15 -9.53 44.10
N ILE C 134 26.96 -10.15 43.23
CA ILE C 134 26.89 -9.85 41.81
C ILE C 134 25.56 -10.34 41.22
N PHE C 135 25.17 -11.59 41.52
CA PHE C 135 23.92 -12.09 40.97
C PHE C 135 22.73 -11.33 41.52
N ASP C 136 22.76 -10.98 42.79
CA ASP C 136 21.63 -10.26 43.35
C ASP C 136 21.57 -8.84 42.80
N SER C 137 22.73 -8.24 42.50
CA SER C 137 22.73 -6.96 41.82
C SER C 137 22.14 -7.08 40.43
N MET C 138 22.44 -8.19 39.75
CA MET C 138 21.88 -8.38 38.42
C MET C 138 20.36 -8.51 38.48
N ILE C 139 19.85 -9.26 39.47
CA ILE C 139 18.40 -9.40 39.60
C ILE C 139 17.76 -8.06 39.91
N CYS C 140 18.35 -7.28 40.81
CA CYS C 140 17.77 -5.98 41.13
C CYS C 140 17.77 -5.05 39.94
N ILE C 141 18.87 -5.03 39.17
CA ILE C 141 18.93 -4.18 37.99
C ILE C 141 17.83 -4.56 37.01
N SER C 142 17.70 -5.85 36.72
CA SER C 142 16.68 -6.27 35.78
C SER C 142 15.28 -6.02 36.32
N LEU C 143 15.09 -6.18 37.63
CA LEU C 143 13.81 -5.93 38.26
C LEU C 143 13.37 -4.49 38.08
N VAL C 144 14.24 -3.55 38.43
CA VAL C 144 13.90 -2.13 38.30
C VAL C 144 13.72 -1.77 36.82
N ALA C 145 14.60 -2.29 35.96
CA ALA C 145 14.52 -1.94 34.55
C ALA C 145 13.24 -2.45 33.90
N SER C 146 12.70 -3.57 34.38
CA SER C 146 11.44 -4.05 33.82
C SER C 146 10.31 -3.07 34.10
N ILE C 147 10.24 -2.57 35.33
CA ILE C 147 9.22 -1.57 35.68
C ILE C 147 9.41 -0.31 34.84
N CYS C 148 10.66 0.14 34.71
CA CYS C 148 10.90 1.38 34.00
C CYS C 148 10.57 1.24 32.52
N ASN C 149 10.81 0.07 31.93
CA ASN C 149 10.46 -0.14 30.53
C ASN C 149 8.96 -0.25 30.34
N LEU C 150 8.25 -0.86 31.29
CA LEU C 150 6.79 -0.91 31.22
C LEU C 150 6.21 0.50 31.25
N LEU C 151 6.71 1.33 32.14
CA LEU C 151 6.25 2.72 32.18
C LEU C 151 6.65 3.48 30.92
N ALA C 152 7.80 3.17 30.33
CA ALA C 152 8.20 3.81 29.09
C ALA C 152 7.21 3.49 27.97
N ILE C 153 6.84 2.22 27.85
CA ILE C 153 5.85 1.83 26.85
C ILE C 153 4.55 2.57 27.08
N ALA C 154 4.11 2.65 28.34
CA ALA C 154 2.85 3.32 28.63
C ALA C 154 2.90 4.80 28.27
N VAL C 155 3.98 5.48 28.64
CA VAL C 155 4.07 6.91 28.37
C VAL C 155 4.14 7.15 26.87
N ASP C 156 4.84 6.28 26.15
CA ASP C 156 4.89 6.41 24.70
C ASP C 156 3.51 6.25 24.08
N ARG C 157 2.73 5.28 24.55
CA ARG C 157 1.37 5.10 24.03
C ARG C 157 0.50 6.31 24.34
N TYR C 158 0.62 6.86 25.54
CA TYR C 158 -0.14 8.06 25.89
C TYR C 158 0.22 9.23 24.99
N VAL C 159 1.51 9.42 24.73
CA VAL C 159 1.94 10.50 23.85
C VAL C 159 1.42 10.26 22.44
N THR C 160 1.40 9.00 22.02
CA THR C 160 0.89 8.66 20.69
C THR C 160 -0.58 9.02 20.54
N ILE C 161 -1.38 8.73 21.57
CA ILE C 161 -2.81 8.99 21.47
C ILE C 161 -3.12 10.47 21.64
N PHE C 162 -2.71 11.05 22.75
CA PHE C 162 -3.14 12.39 23.10
C PHE C 162 -2.30 13.50 22.48
N TYR C 163 -1.12 13.19 21.96
CA TYR C 163 -0.37 14.09 21.10
C TYR C 163 -0.19 13.36 19.78
N ALA C 164 -1.20 13.41 18.94
CA ALA C 164 -1.31 12.49 17.82
C ALA C 164 -0.67 13.03 16.57
N LEU C 165 -0.72 14.33 16.36
CA LEU C 165 -0.18 14.94 15.17
C LEU C 165 1.25 15.44 15.36
N ARG C 166 1.67 15.71 16.59
CA ARG C 166 3.02 16.16 16.87
C ARG C 166 3.91 15.05 17.39
N TYR C 167 3.47 13.80 17.29
CA TYR C 167 4.20 12.69 17.90
C TYR C 167 5.57 12.53 17.27
N HIS C 168 5.64 12.54 15.94
CA HIS C 168 6.90 12.32 15.26
C HIS C 168 7.84 13.50 15.39
N SER C 169 7.36 14.65 15.83
CA SER C 169 8.23 15.79 16.08
C SER C 169 8.71 15.88 17.51
N ILE C 170 8.26 14.98 18.40
CA ILE C 170 8.75 15.00 19.77
C ILE C 170 9.13 13.62 20.28
N MET C 171 9.17 12.62 19.39
CA MET C 171 9.65 11.29 19.77
C MET C 171 10.52 10.72 18.65
N THR C 172 11.52 11.48 18.23
CA THR C 172 12.51 10.98 17.29
C THR C 172 13.22 9.75 17.85
N VAL C 173 13.79 8.94 16.96
CA VAL C 173 14.43 7.70 17.36
C VAL C 173 15.65 7.97 18.24
N ARG C 174 16.36 9.07 17.98
CA ARG C 174 17.47 9.43 18.84
C ARG C 174 17.01 9.67 20.27
N LYS C 175 15.86 10.34 20.44
CA LYS C 175 15.31 10.53 21.78
C LYS C 175 14.92 9.20 22.41
N ALA C 176 14.39 8.27 21.62
CA ALA C 176 14.05 6.95 22.13
C ALA C 176 15.27 6.26 22.71
N LEU C 177 16.38 6.26 21.96
CA LEU C 177 17.57 5.59 22.46
C LEU C 177 18.20 6.33 23.62
N THR C 178 18.11 7.67 23.62
CA THR C 178 18.56 8.42 24.78
C THR C 178 17.83 7.98 26.04
N LEU C 179 16.49 7.91 25.96
CA LEU C 179 15.71 7.50 27.12
C LEU C 179 16.01 6.06 27.53
N ILE C 180 16.21 5.18 26.56
CA ILE C 180 16.49 3.77 26.88
C ILE C 180 17.80 3.65 27.64
N VAL C 181 18.85 4.27 27.13
CA VAL C 181 20.15 4.17 27.79
C VAL C 181 20.13 4.85 29.14
N ALA C 182 19.41 5.97 29.25
CA ALA C 182 19.30 6.63 30.55
C ALA C 182 18.61 5.73 31.56
N ILE C 183 17.52 5.07 31.14
CA ILE C 183 16.83 4.12 32.00
C ILE C 183 17.79 3.06 32.48
N TRP C 184 18.55 2.47 31.56
CA TRP C 184 19.37 1.33 31.97
C TRP C 184 20.53 1.75 32.86
N VAL C 185 21.11 2.91 32.64
CA VAL C 185 22.19 3.36 33.50
C VAL C 185 21.69 3.69 34.89
N CYS C 186 20.55 4.39 34.98
CA CYS C 186 19.98 4.68 36.30
C CYS C 186 19.55 3.39 37.01
N CYS C 187 19.02 2.42 36.27
CA CYS C 187 18.65 1.15 36.87
C CYS C 187 19.89 0.40 37.36
N GLY C 188 20.99 0.45 36.60
CA GLY C 188 22.20 -0.19 37.06
C GLY C 188 22.75 0.43 38.32
N VAL C 189 22.81 1.76 38.36
CA VAL C 189 23.36 2.41 39.54
C VAL C 189 22.47 2.17 40.75
N CYS C 190 21.15 2.24 40.56
CA CYS C 190 20.25 1.95 41.67
C CYS C 190 20.38 0.50 42.13
N GLY C 191 20.54 -0.43 41.19
CA GLY C 191 20.65 -1.84 41.59
C GLY C 191 21.89 -2.11 42.41
N VAL C 192 23.03 -1.59 41.96
CA VAL C 192 24.26 -1.82 42.71
C VAL C 192 24.21 -1.11 44.06
N VAL C 193 23.63 0.09 44.11
CA VAL C 193 23.58 0.76 45.40
C VAL C 193 22.49 0.17 46.30
N PHE C 194 21.57 -0.61 45.74
CA PHE C 194 20.58 -1.26 46.58
C PHE C 194 21.15 -2.53 47.21
N ILE C 195 21.86 -3.34 46.43
CA ILE C 195 22.44 -4.55 46.99
C ILE C 195 23.59 -4.21 47.93
N VAL C 196 24.47 -3.29 47.54
CA VAL C 196 25.67 -3.02 48.33
C VAL C 196 25.30 -2.40 49.68
N TYR C 197 24.27 -1.57 49.70
CA TYR C 197 23.86 -0.81 50.87
C TYR C 197 22.55 -1.37 51.41
N SER C 198 22.45 -2.71 51.45
CA SER C 198 21.17 -3.41 51.54
C SER C 198 20.50 -3.26 52.90
N GLU C 199 21.18 -3.70 53.97
CA GLU C 199 20.57 -3.73 55.30
C GLU C 199 20.13 -2.36 55.77
N SER C 200 20.49 -1.32 55.04
CA SER C 200 20.01 0.02 55.36
C SER C 200 18.50 0.09 55.14
N LYS C 201 17.86 0.95 55.91
CA LYS C 201 16.40 0.98 55.92
C LYS C 201 15.82 1.68 54.70
N MET C 202 16.51 2.69 54.18
CA MET C 202 15.94 3.50 53.12
C MET C 202 16.00 2.84 51.75
N VAL C 203 16.80 1.78 51.58
CA VAL C 203 16.80 1.07 50.30
C VAL C 203 15.46 0.40 50.05
N ILE C 204 14.86 -0.18 51.08
CA ILE C 204 13.54 -0.80 50.90
C ILE C 204 12.47 0.26 50.67
N VAL C 205 12.54 1.38 51.41
CA VAL C 205 11.54 2.43 51.26
C VAL C 205 11.64 3.07 49.88
N CYS C 206 12.86 3.22 49.36
CA CYS C 206 13.03 3.71 48.01
C CYS C 206 12.33 2.80 47.00
N LEU C 207 12.51 1.49 47.12
CA LEU C 207 11.85 0.57 46.20
C LEU C 207 10.33 0.63 46.32
N ILE C 208 9.82 0.70 47.55
CA ILE C 208 8.37 0.74 47.72
C ILE C 208 7.80 1.99 47.07
N THR C 209 8.45 3.14 47.28
CA THR C 209 7.96 4.36 46.66
C THR C 209 8.03 4.29 45.13
N MET C 210 9.15 3.75 44.61
CA MET C 210 9.26 3.63 43.16
C MET C 210 8.14 2.77 42.59
N PHE C 211 7.88 1.62 43.21
CA PHE C 211 6.89 0.72 42.64
C PHE C 211 5.48 1.29 42.76
N PHE C 212 5.14 1.89 43.89
CA PHE C 212 3.77 2.39 44.01
C PHE C 212 3.55 3.58 43.09
N ALA C 213 4.56 4.43 42.93
CA ALA C 213 4.45 5.51 41.95
C ALA C 213 4.26 4.95 40.55
N MET C 214 5.06 3.96 40.18
CA MET C 214 5.01 3.43 38.82
C MET C 214 3.87 2.46 38.61
N MET C 215 3.13 2.12 39.65
CA MET C 215 1.87 1.43 39.55
C MET C 215 0.71 2.38 39.31
N LEU C 216 0.60 3.42 40.14
CA LEU C 216 -0.52 4.34 39.98
C LEU C 216 -0.38 5.19 38.73
N LEU C 217 0.84 5.50 38.31
CA LEU C 217 0.98 6.27 37.07
C LEU C 217 0.56 5.44 35.87
N MET C 218 0.96 4.18 35.84
CA MET C 218 0.55 3.29 34.75
C MET C 218 -0.96 3.11 34.74
N GLY C 219 -1.56 2.97 35.92
CA GLY C 219 -3.01 2.88 36.00
C GLY C 219 -3.70 4.11 35.44
N THR C 220 -3.26 5.30 35.85
CA THR C 220 -3.90 6.52 35.35
C THR C 220 -3.79 6.62 33.85
N LEU C 221 -2.60 6.35 33.30
CA LEU C 221 -2.42 6.45 31.86
C LEU C 221 -3.38 5.51 31.12
N TYR C 222 -3.46 4.26 31.57
CA TYR C 222 -4.26 3.30 30.82
C TYR C 222 -5.76 3.55 30.98
N VAL C 223 -6.19 3.99 32.17
CA VAL C 223 -7.60 4.31 32.35
C VAL C 223 -8.00 5.53 31.52
N HIS C 224 -7.12 6.53 31.44
CA HIS C 224 -7.41 7.67 30.59
C HIS C 224 -7.55 7.25 29.13
N MET C 225 -6.64 6.40 28.66
CA MET C 225 -6.73 5.93 27.28
C MET C 225 -8.04 5.17 27.05
N PHE C 226 -8.43 4.32 28.01
CA PHE C 226 -9.66 3.57 27.85
C PHE C 226 -10.88 4.47 27.82
N LEU C 227 -10.92 5.49 28.68
CA LEU C 227 -12.07 6.39 28.70
C LEU C 227 -12.17 7.18 27.41
N PHE C 228 -11.03 7.62 26.88
CA PHE C 228 -11.03 8.29 25.57
C PHE C 228 -11.54 7.36 24.48
N ALA C 229 -11.11 6.10 24.49
CA ALA C 229 -11.58 5.15 23.49
C ALA C 229 -13.07 4.91 23.63
N ARG C 230 -13.56 4.89 24.87
CA ARG C 230 -15.00 4.76 25.11
C ARG C 230 -15.76 5.91 24.48
N LEU C 231 -15.24 7.12 24.65
CA LEU C 231 -15.88 8.29 24.05
C LEU C 231 -15.90 8.19 22.53
N HIS C 232 -14.79 7.75 21.94
CA HIS C 232 -14.73 7.59 20.49
C HIS C 232 -15.73 6.56 19.99
N VAL C 233 -15.84 5.43 20.70
CA VAL C 233 -16.78 4.39 20.29
C VAL C 233 -18.22 4.87 20.42
N LYS C 234 -18.50 5.67 21.45
CA LYS C 234 -19.81 6.31 21.53
C LYS C 234 -20.07 7.18 20.31
N ARG C 235 -19.05 7.92 19.87
CA ARG C 235 -19.22 8.76 18.68
C ARG C 235 -19.19 7.96 17.38
N ILE C 236 -18.89 6.67 17.43
CA ILE C 236 -19.07 5.83 16.24
C ILE C 236 -20.45 5.17 16.21
N ALA C 237 -21.05 4.92 17.37
CA ALA C 237 -22.38 4.34 17.41
C ALA C 237 -23.46 5.29 16.91
N ALA C 238 -23.19 6.60 16.86
CA ALA C 238 -24.15 7.59 16.41
C ALA C 238 -24.24 7.69 14.89
N LEU C 239 -23.66 6.74 14.16
CA LEU C 239 -23.78 6.71 12.71
C LEU C 239 -25.21 6.34 12.32
N PRO C 240 -25.66 6.74 11.14
CA PRO C 240 -27.07 6.56 10.76
C PRO C 240 -27.53 5.12 10.87
N PRO C 241 -26.72 4.13 10.46
CA PRO C 241 -27.34 2.80 10.63
C PRO C 241 -27.32 2.32 12.08
N GLN C 249 -18.82 -8.96 21.19
CA GLN C 249 -17.52 -8.30 21.16
C GLN C 249 -17.69 -6.79 21.06
N HIS C 250 -18.31 -6.21 22.09
CA HIS C 250 -18.47 -4.77 22.14
C HIS C 250 -17.11 -4.09 22.30
N SER C 251 -17.00 -2.89 21.72
CA SER C 251 -15.74 -2.17 21.76
C SER C 251 -15.38 -1.76 23.19
N CYS C 252 -16.37 -1.36 23.99
CA CYS C 252 -16.12 -1.12 25.41
C CYS C 252 -15.62 -2.38 26.08
N MET C 253 -16.21 -3.53 25.74
CA MET C 253 -15.76 -4.78 26.34
C MET C 253 -14.33 -5.09 25.91
N LYS C 254 -14.00 -4.86 24.64
CA LYS C 254 -12.65 -5.13 24.18
C LYS C 254 -11.63 -4.26 24.90
N GLY C 255 -11.90 -2.95 24.97
CA GLY C 255 -10.98 -2.07 25.66
C GLY C 255 -10.86 -2.40 27.13
N ALA C 256 -11.98 -2.75 27.78
CA ALA C 256 -11.96 -3.10 29.18
C ALA C 256 -11.15 -4.36 29.42
N VAL C 257 -11.28 -5.35 28.55
CA VAL C 257 -10.48 -6.56 28.69
C VAL C 257 -8.99 -6.22 28.57
N THR C 258 -8.65 -5.40 27.58
CA THR C 258 -7.23 -5.07 27.39
C THR C 258 -6.66 -4.34 28.59
N ILE C 259 -7.39 -3.35 29.11
CA ILE C 259 -6.87 -2.56 30.23
C ILE C 259 -6.82 -3.41 31.49
N THR C 260 -7.83 -4.25 31.74
CA THR C 260 -7.79 -5.11 32.91
C THR C 260 -6.63 -6.08 32.86
N ILE C 261 -6.34 -6.65 31.71
CA ILE C 261 -5.18 -7.54 31.62
C ILE C 261 -3.90 -6.76 31.86
N LEU C 262 -3.72 -5.64 31.17
CA LEU C 262 -2.45 -4.90 31.27
C LEU C 262 -2.21 -4.39 32.69
N LEU C 263 -3.26 -4.09 33.44
CA LEU C 263 -3.03 -3.62 34.80
C LEU C 263 -3.01 -4.76 35.81
N GLY C 264 -3.84 -5.78 35.62
CA GLY C 264 -3.92 -6.86 36.58
C GLY C 264 -2.72 -7.77 36.54
N VAL C 265 -2.15 -8.00 35.36
CA VAL C 265 -0.91 -8.76 35.30
C VAL C 265 0.18 -8.02 36.08
N PHE C 266 0.30 -6.72 35.84
CA PHE C 266 1.26 -5.90 36.58
C PHE C 266 1.06 -6.01 38.09
N ILE C 267 -0.18 -5.80 38.56
CA ILE C 267 -0.43 -5.85 40.00
C ILE C 267 -0.18 -7.24 40.55
N PHE C 268 -0.92 -8.23 40.07
CA PHE C 268 -0.82 -9.56 40.63
C PHE C 268 0.50 -10.25 40.33
N CYS C 269 1.41 -9.62 39.59
CA CYS C 269 2.73 -10.18 39.40
C CYS C 269 3.85 -9.40 40.07
N TRP C 270 3.62 -8.15 40.45
CA TRP C 270 4.66 -7.39 41.14
C TRP C 270 4.28 -6.99 42.55
N ALA C 271 3.02 -6.59 42.79
CA ALA C 271 2.65 -6.06 44.09
C ALA C 271 2.74 -7.04 45.25
N PRO C 272 2.57 -8.35 45.08
CA PRO C 272 2.85 -9.24 46.20
C PRO C 272 4.26 -9.10 46.77
N PHE C 273 5.27 -8.94 45.91
CA PHE C 273 6.64 -8.83 46.39
C PHE C 273 6.84 -7.54 47.19
N PHE C 274 6.25 -6.45 46.73
CA PHE C 274 6.46 -5.18 47.43
C PHE C 274 5.59 -5.07 48.67
N LEU C 275 4.45 -5.76 48.67
CA LEU C 275 3.73 -5.96 49.92
C LEU C 275 4.58 -6.72 50.91
N HIS C 276 5.32 -7.72 50.42
CA HIS C 276 6.24 -8.44 51.28
C HIS C 276 7.29 -7.51 51.86
N LEU C 277 7.84 -6.63 51.04
CA LEU C 277 8.85 -5.70 51.56
C LEU C 277 8.27 -4.75 52.60
N VAL C 278 7.05 -4.26 52.36
CA VAL C 278 6.43 -3.36 53.34
C VAL C 278 6.23 -4.09 54.65
N LEU C 279 5.81 -5.35 54.60
CA LEU C 279 5.63 -6.11 55.84
C LEU C 279 6.97 -6.36 56.54
N ILE C 280 8.03 -6.61 55.75
CA ILE C 280 9.36 -6.79 56.34
C ILE C 280 9.75 -5.56 57.14
N ILE C 281 9.58 -4.38 56.57
CA ILE C 281 9.99 -3.16 57.27
C ILE C 281 9.09 -2.87 58.46
N THR C 282 7.77 -2.91 58.24
CA THR C 282 6.85 -2.33 59.21
C THR C 282 6.56 -3.28 60.37
N CYS C 283 6.07 -4.48 60.06
CA CYS C 283 5.52 -5.41 61.04
C CYS C 283 6.29 -6.72 61.04
N PRO C 284 7.37 -6.81 61.81
CA PRO C 284 8.26 -7.98 61.73
C PRO C 284 8.01 -9.09 62.74
N THR C 285 7.08 -8.93 63.69
CA THR C 285 6.82 -9.96 64.67
C THR C 285 5.36 -10.32 64.85
N ASN C 286 4.43 -9.47 64.44
CA ASN C 286 3.01 -9.80 64.55
C ASN C 286 2.68 -10.91 63.57
N PRO C 287 2.03 -11.99 64.00
CA PRO C 287 1.70 -13.07 63.07
C PRO C 287 0.74 -12.65 61.98
N TYR C 288 0.30 -11.39 61.96
CA TYR C 288 -0.46 -10.91 60.82
C TYR C 288 0.41 -10.67 59.61
N CYS C 289 1.73 -10.81 59.75
CA CYS C 289 2.65 -10.49 58.68
C CYS C 289 3.62 -11.62 58.41
N ILE C 290 3.94 -12.39 59.44
CA ILE C 290 4.92 -13.47 59.28
C ILE C 290 4.41 -14.52 58.31
N CYS C 291 3.10 -14.78 58.31
CA CYS C 291 2.57 -15.77 57.39
C CYS C 291 2.63 -15.28 55.96
N TYR C 292 2.54 -13.98 55.73
CA TYR C 292 2.72 -13.46 54.38
C TYR C 292 4.18 -13.53 53.97
N THR C 293 5.08 -13.11 54.86
CA THR C 293 6.50 -13.14 54.56
C THR C 293 7.02 -14.55 54.39
N ALA C 294 6.29 -15.54 54.87
CA ALA C 294 6.69 -16.94 54.70
C ALA C 294 6.83 -17.31 53.23
N HIS C 295 6.08 -16.67 52.34
CA HIS C 295 6.16 -16.96 50.91
C HIS C 295 7.01 -15.90 50.19
N PHE C 296 8.32 -16.01 50.34
CA PHE C 296 9.23 -15.23 49.50
C PHE C 296 9.37 -15.84 48.12
N ASN C 297 9.62 -17.14 48.06
CA ASN C 297 9.92 -17.76 46.79
C ASN C 297 8.71 -17.74 45.88
N THR C 298 7.50 -17.76 46.43
CA THR C 298 6.32 -17.68 45.60
C THR C 298 6.21 -16.32 44.93
N TYR C 299 6.59 -15.26 45.64
CA TYR C 299 6.56 -13.93 45.06
C TYR C 299 7.62 -13.79 43.98
N LEU C 300 8.78 -14.40 44.20
CA LEU C 300 9.78 -14.41 43.14
C LEU C 300 9.28 -15.15 41.91
N VAL C 301 8.55 -16.24 42.11
CA VAL C 301 7.98 -16.96 40.98
C VAL C 301 6.97 -16.08 40.27
N LEU C 302 6.22 -15.27 41.02
CA LEU C 302 5.30 -14.35 40.38
C LEU C 302 6.04 -13.37 39.49
N ILE C 303 7.16 -12.83 39.97
CA ILE C 303 7.93 -11.89 39.16
C ILE C 303 8.42 -12.56 37.88
N MET C 304 8.91 -13.79 37.99
CA MET C 304 9.41 -14.46 36.80
C MET C 304 8.28 -14.84 35.85
N CYS C 305 7.10 -15.17 36.37
CA CYS C 305 5.96 -15.39 35.49
C CYS C 305 5.55 -14.09 34.80
N ASN C 306 5.74 -12.94 35.46
CA ASN C 306 5.56 -11.67 34.75
C ASN C 306 6.57 -11.52 33.62
N SER C 307 7.82 -11.91 33.87
CA SER C 307 8.82 -11.86 32.80
C SER C 307 8.45 -12.80 31.65
N VAL C 308 7.69 -13.85 31.94
CA VAL C 308 7.21 -14.73 30.87
C VAL C 308 6.05 -14.08 30.11
N ILE C 309 5.09 -13.50 30.85
CA ILE C 309 3.88 -12.96 30.25
C ILE C 309 4.16 -11.68 29.47
N ASP C 310 5.13 -10.88 29.90
CA ASP C 310 5.33 -9.56 29.30
C ASP C 310 5.57 -9.59 27.80
N PRO C 311 6.45 -10.44 27.23
CA PRO C 311 6.57 -10.47 25.77
C PRO C 311 5.52 -11.37 25.15
N LEU C 312 4.31 -11.27 25.68
CA LEU C 312 3.14 -11.95 25.13
C LEU C 312 1.92 -11.05 25.07
N ILE C 313 1.85 -9.98 25.86
CA ILE C 313 0.76 -9.02 25.79
C ILE C 313 1.22 -7.64 25.34
N TYR C 314 2.48 -7.49 24.98
CA TYR C 314 3.00 -6.22 24.49
C TYR C 314 3.62 -6.32 23.10
N ALA C 315 4.35 -7.40 22.82
CA ALA C 315 5.01 -7.55 21.53
C ALA C 315 4.29 -8.49 20.59
N PHE C 316 3.49 -9.41 21.10
CA PHE C 316 2.74 -10.33 20.25
C PHE C 316 1.34 -9.85 19.98
N ARG C 317 0.93 -8.72 20.55
CA ARG C 317 -0.33 -8.09 20.16
C ARG C 317 -0.11 -7.06 19.07
N SER C 318 0.59 -7.48 18.01
CA SER C 318 0.76 -6.67 16.81
C SER C 318 0.92 -7.62 15.64
N LEU C 319 0.13 -7.40 14.59
CA LEU C 319 0.15 -8.31 13.45
C LEU C 319 1.48 -8.29 12.72
N GLU C 320 2.24 -7.20 12.82
CA GLU C 320 3.55 -7.16 12.19
C GLU C 320 4.48 -8.21 12.79
N LEU C 321 4.66 -8.18 14.11
CA LEU C 321 5.49 -9.21 14.74
C LEU C 321 4.83 -10.57 14.68
N ARG C 322 3.51 -10.64 14.63
CA ARG C 322 2.85 -11.93 14.53
C ARG C 322 3.21 -12.62 13.22
N ASN C 323 3.12 -11.89 12.11
CA ASN C 323 3.45 -12.48 10.82
C ASN C 323 4.96 -12.66 10.65
N THR C 324 5.77 -11.83 11.30
CA THR C 324 7.20 -12.08 11.28
C THR C 324 7.55 -13.38 12.00
N PHE C 325 6.91 -13.63 13.16
CA PHE C 325 7.13 -14.89 13.86
C PHE C 325 6.60 -16.06 13.05
N ARG C 326 5.46 -15.90 12.39
CA ARG C 326 4.92 -16.97 11.56
C ARG C 326 5.87 -17.29 10.40
N GLU C 327 6.44 -16.25 9.78
CA GLU C 327 7.40 -16.47 8.70
C GLU C 327 8.65 -17.17 9.20
N ILE C 328 9.14 -16.78 10.37
CA ILE C 328 10.31 -17.42 10.96
C ILE C 328 9.87 -18.37 12.07
N SER D 8 -16.06 11.58 -35.60
CA SER D 8 -17.17 10.69 -35.90
C SER D 8 -16.86 9.81 -37.09
N ILE D 9 -17.28 10.26 -38.28
CA ILE D 9 -17.02 9.52 -39.50
C ILE D 9 -15.52 9.46 -39.78
N ALA D 10 -14.82 10.57 -39.57
CA ALA D 10 -13.38 10.60 -39.84
C ALA D 10 -12.63 9.64 -38.92
N GLN D 11 -13.06 9.53 -37.66
CA GLN D 11 -12.39 8.63 -36.73
C GLN D 11 -12.52 7.18 -37.18
N ALA D 12 -13.73 6.77 -37.58
CA ALA D 12 -13.92 5.41 -38.06
C ALA D 12 -13.16 5.18 -39.37
N ARG D 13 -13.12 6.19 -40.23
CA ARG D 13 -12.35 6.06 -41.47
C ARG D 13 -10.87 5.87 -41.17
N LYS D 14 -10.33 6.63 -40.23
CA LYS D 14 -8.93 6.45 -39.84
C LYS D 14 -8.71 5.08 -39.25
N LEU D 15 -9.65 4.60 -38.45
CA LEU D 15 -9.50 3.28 -37.86
C LEU D 15 -9.45 2.21 -38.94
N VAL D 16 -10.32 2.32 -39.94
CA VAL D 16 -10.31 1.34 -41.02
C VAL D 16 -9.03 1.46 -41.85
N GLU D 17 -8.56 2.68 -42.08
CA GLU D 17 -7.35 2.87 -42.89
C GLU D 17 -6.12 2.30 -42.20
N GLN D 18 -6.02 2.46 -40.88
CA GLN D 18 -4.91 1.86 -40.17
C GLN D 18 -5.11 0.36 -40.00
N LEU D 19 -6.35 -0.10 -39.95
CA LEU D 19 -6.61 -1.52 -39.77
C LEU D 19 -6.36 -2.32 -41.05
N LYS D 20 -6.49 -1.68 -42.21
CA LYS D 20 -6.22 -2.40 -43.45
C LYS D 20 -4.72 -2.61 -43.65
N MET D 21 -3.89 -1.77 -43.04
CA MET D 21 -2.46 -2.05 -43.00
C MET D 21 -2.17 -3.34 -42.24
N GLU D 22 -2.99 -3.65 -41.24
CA GLU D 22 -2.67 -4.74 -40.33
C GLU D 22 -2.86 -6.12 -40.97
N ALA D 23 -3.77 -6.24 -41.94
CA ALA D 23 -4.08 -7.52 -42.56
C ALA D 23 -3.23 -7.80 -43.79
N ASN D 24 -2.01 -7.23 -43.86
CA ASN D 24 -1.22 -7.27 -45.07
C ASN D 24 0.20 -7.75 -44.76
N ILE D 25 0.63 -7.59 -43.51
CA ILE D 25 2.00 -7.91 -43.15
C ILE D 25 2.27 -9.38 -43.39
N ASP D 26 3.52 -9.70 -43.77
CA ASP D 26 3.90 -11.07 -44.09
C ASP D 26 4.05 -11.90 -42.82
N ARG D 27 2.99 -12.60 -42.43
CA ARG D 27 3.08 -13.47 -41.28
C ARG D 27 3.91 -14.71 -41.61
N ILE D 28 4.38 -15.37 -40.56
CA ILE D 28 5.14 -16.60 -40.68
C ILE D 28 4.56 -17.60 -39.70
N LYS D 29 4.60 -18.88 -40.06
CA LYS D 29 4.02 -19.91 -39.21
C LYS D 29 4.75 -19.99 -37.88
N VAL D 30 4.02 -20.41 -36.85
CA VAL D 30 4.54 -20.40 -35.49
C VAL D 30 5.67 -21.40 -35.32
N SER D 31 5.57 -22.56 -35.99
CA SER D 31 6.54 -23.62 -35.78
C SER D 31 7.96 -23.17 -36.10
N LYS D 32 8.13 -22.13 -36.91
CA LYS D 32 9.42 -21.47 -37.01
C LYS D 32 9.42 -20.07 -36.43
N ALA D 33 8.25 -19.54 -36.05
CA ALA D 33 8.19 -18.36 -35.21
C ALA D 33 8.31 -18.71 -33.74
N ALA D 34 8.25 -20.00 -33.41
CA ALA D 34 8.61 -20.50 -32.09
C ALA D 34 9.90 -21.30 -32.12
N ALA D 35 10.52 -21.45 -33.28
CA ALA D 35 11.83 -22.07 -33.39
C ALA D 35 12.96 -21.06 -33.47
N ASP D 36 12.65 -19.79 -33.74
CA ASP D 36 13.63 -18.74 -33.54
C ASP D 36 13.97 -18.62 -32.07
N LEU D 37 12.95 -18.50 -31.22
CA LEU D 37 13.10 -18.79 -29.81
C LEU D 37 13.26 -20.30 -29.64
N MET D 38 13.75 -20.71 -28.47
CA MET D 38 14.08 -22.11 -28.19
C MET D 38 15.35 -22.49 -28.96
N ALA D 39 15.78 -21.61 -29.85
CA ALA D 39 17.11 -21.65 -30.43
C ALA D 39 17.99 -20.53 -29.91
N TYR D 40 17.39 -19.43 -29.48
CA TYR D 40 18.11 -18.41 -28.75
C TYR D 40 18.63 -18.94 -27.43
N CYS D 41 17.75 -19.62 -26.67
CA CYS D 41 18.15 -20.16 -25.38
C CYS D 41 19.19 -21.26 -25.55
N GLU D 42 19.03 -22.11 -26.55
CA GLU D 42 20.01 -23.17 -26.76
C GLU D 42 21.36 -22.60 -27.17
N ALA D 43 21.41 -21.35 -27.60
CA ALA D 43 22.66 -20.72 -27.96
C ALA D 43 23.18 -19.77 -26.89
N HIS D 44 22.39 -19.46 -25.86
CA HIS D 44 22.85 -18.57 -24.81
C HIS D 44 22.69 -19.13 -23.40
N ALA D 45 22.42 -20.43 -23.27
CA ALA D 45 22.27 -21.00 -21.93
C ALA D 45 23.59 -21.12 -21.18
N LYS D 46 24.72 -20.97 -21.88
CA LYS D 46 26.03 -21.09 -21.25
C LYS D 46 26.60 -19.74 -20.82
N GLU D 47 25.82 -18.67 -20.96
CA GLU D 47 26.30 -17.34 -20.59
C GLU D 47 25.25 -16.54 -19.82
N ASP D 48 24.22 -17.19 -19.31
CA ASP D 48 23.22 -16.49 -18.51
C ASP D 48 23.44 -16.82 -17.05
N PRO D 49 23.88 -15.87 -16.23
CA PRO D 49 24.21 -16.21 -14.84
C PRO D 49 23.04 -16.75 -14.03
N LEU D 50 21.83 -16.24 -14.24
CA LEU D 50 20.72 -16.64 -13.37
C LEU D 50 20.22 -18.03 -13.71
N LEU D 51 20.27 -18.42 -14.97
CA LEU D 51 19.82 -19.77 -15.34
C LEU D 51 20.81 -20.83 -14.84
N THR D 52 22.10 -20.62 -15.08
CA THR D 52 23.15 -21.51 -14.59
C THR D 52 24.13 -20.71 -13.74
N PRO D 53 24.07 -20.83 -12.42
CA PRO D 53 24.80 -19.89 -11.55
C PRO D 53 26.30 -19.93 -11.80
N VAL D 54 26.92 -18.77 -11.72
CA VAL D 54 28.35 -18.59 -11.92
C VAL D 54 29.06 -19.10 -10.67
N PRO D 55 30.27 -19.66 -10.78
CA PRO D 55 31.05 -19.94 -9.58
C PRO D 55 31.27 -18.68 -8.76
N ALA D 56 31.22 -18.85 -7.44
CA ALA D 56 31.24 -17.71 -6.52
C ALA D 56 32.54 -16.93 -6.57
N SER D 57 33.49 -17.31 -7.41
CA SER D 57 34.73 -16.54 -7.52
C SER D 57 34.53 -15.31 -8.40
N GLU D 58 34.02 -15.51 -9.60
CA GLU D 58 33.77 -14.40 -10.52
C GLU D 58 32.31 -13.96 -10.46
N ASN D 59 31.93 -13.47 -9.28
CA ASN D 59 30.58 -12.98 -9.01
C ASN D 59 30.70 -11.73 -8.17
N PRO D 60 30.53 -10.55 -8.77
CA PRO D 60 30.68 -9.31 -7.99
C PRO D 60 29.74 -9.20 -6.81
N PHE D 61 28.73 -10.06 -6.72
CA PHE D 61 27.80 -10.07 -5.60
C PHE D 61 28.10 -11.29 -4.74
N ARG D 62 28.53 -11.05 -3.50
CA ARG D 62 28.87 -12.13 -2.60
C ARG D 62 28.16 -11.99 -1.25
N TYR E 1 27.86 -17.67 55.70
CA TYR E 1 26.85 -16.82 55.08
C TYR E 1 25.57 -17.57 54.84
N VAL E 2 24.45 -17.02 55.30
CA VAL E 2 23.17 -17.62 54.98
C VAL E 2 22.84 -17.22 53.56
N MET E 3 22.58 -18.19 52.67
CA MET E 3 22.31 -17.87 51.27
C MET E 3 20.90 -18.21 50.83
N GLY E 4 20.40 -17.53 49.81
CA GLY E 4 19.06 -17.79 49.31
C GLY E 4 18.67 -16.97 48.11
N HIS E 5 17.47 -17.21 47.58
CA HIS E 5 17.06 -16.53 46.38
C HIS E 5 16.84 -15.06 46.63
N PHE E 6 17.54 -14.23 45.92
CA PHE E 6 17.41 -12.78 46.02
C PHE E 6 17.71 -12.30 47.42
N ARG E 7 17.01 -11.28 47.87
CA ARG E 7 17.31 -10.77 49.16
C ARG E 7 16.17 -10.15 49.85
N TRP E 8 16.41 -9.62 51.05
CA TRP E 8 15.36 -8.95 51.82
C TRP E 8 14.21 -9.87 52.21
N ASP E 9 14.41 -11.18 52.11
CA ASP E 9 13.37 -12.10 52.56
C ASP E 9 13.01 -11.78 53.99
N ARG E 10 14.00 -11.43 54.80
CA ARG E 10 13.74 -11.05 56.17
C ARG E 10 14.49 -9.74 56.40
N PHE E 11 14.56 -9.30 57.64
CA PHE E 11 15.34 -8.12 57.95
C PHE E 11 16.03 -8.26 59.29
N GLN F 23 -10.15 -9.42 -27.98
CA GLN F 23 -10.76 -8.11 -27.78
C GLN F 23 -12.01 -8.22 -26.92
N VAL F 24 -12.19 -7.24 -26.04
CA VAL F 24 -13.36 -7.21 -25.15
C VAL F 24 -14.53 -6.69 -25.98
N GLN F 25 -15.40 -7.59 -26.43
CA GLN F 25 -16.53 -7.25 -27.27
C GLN F 25 -17.82 -7.35 -26.46
N LEU F 26 -18.65 -6.31 -26.53
CA LEU F 26 -19.94 -6.27 -25.87
C LEU F 26 -20.96 -5.78 -26.90
N GLN F 27 -21.56 -6.71 -27.63
CA GLN F 27 -22.49 -6.37 -28.69
C GLN F 27 -23.90 -6.42 -28.13
N GLU F 28 -24.65 -5.35 -28.35
CA GLU F 28 -25.95 -5.19 -27.70
C GLU F 28 -27.09 -5.52 -28.65
N SER F 29 -28.21 -5.91 -28.07
CA SER F 29 -29.45 -6.15 -28.79
C SER F 29 -30.53 -5.25 -28.22
N GLY F 30 -31.76 -5.47 -28.66
CA GLY F 30 -32.87 -4.67 -28.18
C GLY F 30 -32.84 -3.27 -28.76
N GLY F 31 -33.66 -2.42 -28.18
CA GLY F 31 -33.80 -1.05 -28.64
C GLY F 31 -34.92 -0.88 -29.65
N GLY F 32 -35.22 0.37 -29.93
CA GLY F 32 -36.26 0.74 -30.87
C GLY F 32 -37.20 1.75 -30.27
N LEU F 33 -38.32 1.97 -30.94
CA LEU F 33 -39.30 2.97 -30.55
C LEU F 33 -40.49 2.27 -29.90
N VAL F 34 -40.79 2.65 -28.67
CA VAL F 34 -41.93 2.09 -27.93
C VAL F 34 -42.72 3.24 -27.32
N GLN F 35 -44.04 3.10 -27.33
CA GLN F 35 -44.92 4.14 -26.81
C GLN F 35 -44.71 4.25 -25.30
N PRO F 36 -44.98 5.43 -24.71
CA PRO F 36 -44.87 5.56 -23.26
C PRO F 36 -45.70 4.51 -22.53
N GLY F 37 -45.13 3.97 -21.46
CA GLY F 37 -45.72 2.83 -20.80
C GLY F 37 -45.43 1.51 -21.46
N GLY F 38 -44.45 1.45 -22.35
CA GLY F 38 -44.13 0.23 -23.06
C GLY F 38 -43.20 -0.69 -22.29
N SER F 39 -42.81 -1.77 -22.95
CA SER F 39 -41.93 -2.77 -22.37
C SER F 39 -40.84 -3.14 -23.38
N LEU F 40 -39.69 -3.54 -22.85
CA LEU F 40 -38.52 -3.87 -23.65
C LEU F 40 -37.62 -4.78 -22.83
N ARG F 41 -36.69 -5.43 -23.52
CA ARG F 41 -35.67 -6.24 -22.86
C ARG F 41 -34.35 -6.02 -23.59
N LEU F 42 -33.52 -5.14 -23.06
CA LEU F 42 -32.19 -4.92 -23.61
C LEU F 42 -31.28 -6.08 -23.22
N SER F 43 -30.56 -6.62 -24.19
CA SER F 43 -29.61 -7.70 -23.94
C SER F 43 -28.26 -7.35 -24.54
N CYS F 44 -27.20 -7.64 -23.79
CA CYS F 44 -25.83 -7.33 -24.19
C CYS F 44 -25.02 -8.62 -24.13
N ALA F 45 -24.66 -9.14 -25.30
CA ALA F 45 -23.89 -10.38 -25.39
C ALA F 45 -22.40 -10.05 -25.35
N ALA F 46 -21.66 -10.78 -24.53
CA ALA F 46 -20.26 -10.52 -24.30
C ALA F 46 -19.38 -11.61 -24.89
N SER F 47 -18.22 -11.21 -25.39
CA SER F 47 -17.26 -12.16 -25.93
C SER F 47 -15.86 -11.62 -25.71
N GLY F 48 -14.93 -12.55 -25.45
CA GLY F 48 -13.53 -12.21 -25.33
C GLY F 48 -12.99 -12.12 -23.93
N PHE F 49 -13.76 -12.47 -22.91
CA PHE F 49 -13.26 -12.45 -21.55
C PHE F 49 -14.08 -13.41 -20.70
N THR F 50 -13.53 -13.76 -19.54
CA THR F 50 -14.23 -14.59 -18.57
C THR F 50 -15.45 -13.83 -18.06
N PHE F 51 -16.64 -14.32 -18.38
CA PHE F 51 -17.85 -13.58 -18.06
C PHE F 51 -18.20 -13.66 -16.59
N SER F 52 -17.86 -14.76 -15.91
CA SER F 52 -18.35 -14.97 -14.55
C SER F 52 -17.72 -14.02 -13.55
N ASN F 53 -16.44 -13.69 -13.73
CA ASN F 53 -15.64 -13.04 -12.70
C ASN F 53 -15.57 -11.52 -12.87
N TYR F 54 -16.63 -10.90 -13.37
CA TYR F 54 -16.61 -9.46 -13.59
C TYR F 54 -17.91 -8.86 -13.10
N LYS F 55 -17.84 -7.58 -12.75
CA LYS F 55 -19.01 -6.79 -12.35
C LYS F 55 -19.46 -5.98 -13.55
N MET F 56 -20.78 -5.88 -13.76
CA MET F 56 -21.24 -5.14 -14.92
C MET F 56 -22.36 -4.18 -14.57
N ASN F 57 -22.56 -3.22 -15.48
CA ASN F 57 -23.41 -2.07 -15.23
C ASN F 57 -24.10 -1.68 -16.53
N TRP F 58 -25.15 -0.85 -16.38
CA TRP F 58 -25.76 -0.17 -17.52
C TRP F 58 -25.52 1.33 -17.39
N VAL F 59 -25.15 1.96 -18.51
CA VAL F 59 -24.84 3.37 -18.56
C VAL F 59 -25.57 3.95 -19.76
N ARG F 60 -26.43 4.95 -19.51
CA ARG F 60 -27.23 5.51 -20.58
C ARG F 60 -26.86 6.97 -20.81
N GLN F 61 -27.04 7.41 -22.04
CA GLN F 61 -26.72 8.76 -22.46
C GLN F 61 -27.94 9.33 -23.18
N ALA F 62 -28.61 10.27 -22.55
CA ALA F 62 -29.75 10.93 -23.15
C ALA F 62 -29.26 12.05 -24.07
N PRO F 63 -30.06 12.42 -25.07
CA PRO F 63 -29.66 13.52 -25.95
C PRO F 63 -29.45 14.80 -25.16
N GLY F 64 -28.39 15.52 -25.51
CA GLY F 64 -28.07 16.76 -24.81
C GLY F 64 -27.79 16.56 -23.33
N LYS F 65 -27.04 15.52 -23.00
CA LYS F 65 -26.76 15.21 -21.59
C LYS F 65 -25.50 14.37 -21.52
N GLY F 66 -24.93 14.29 -20.33
CA GLY F 66 -23.76 13.47 -20.08
C GLY F 66 -24.11 12.03 -19.81
N LEU F 67 -23.07 11.23 -19.62
CA LEU F 67 -23.25 9.81 -19.37
C LEU F 67 -23.54 9.57 -17.90
N GLU F 68 -24.65 8.88 -17.61
CA GLU F 68 -25.06 8.64 -16.24
C GLU F 68 -25.19 7.14 -16.02
N TRP F 69 -25.53 6.76 -14.80
CA TRP F 69 -25.47 5.37 -14.37
C TRP F 69 -26.86 4.88 -13.95
N VAL F 70 -27.24 3.71 -14.46
CA VAL F 70 -28.59 3.16 -14.29
C VAL F 70 -28.61 2.03 -13.28
N SER F 71 -27.90 0.94 -13.54
CA SER F 71 -28.01 -0.24 -12.71
C SER F 71 -26.70 -1.00 -12.70
N ASP F 72 -26.57 -1.89 -11.71
CA ASP F 72 -25.34 -2.63 -11.48
C ASP F 72 -25.65 -4.01 -10.94
N ILE F 73 -24.92 -5.01 -11.43
CA ILE F 73 -25.02 -6.37 -10.93
C ILE F 73 -23.63 -6.95 -10.81
N SER F 74 -23.43 -7.78 -9.79
CA SER F 74 -22.13 -8.21 -9.32
C SER F 74 -21.73 -9.52 -10.01
N GLN F 75 -20.69 -10.18 -9.49
CA GLN F 75 -20.13 -11.36 -10.15
C GLN F 75 -21.14 -12.50 -10.23
N SER F 76 -21.75 -12.86 -9.10
CA SER F 76 -22.66 -13.99 -9.05
C SER F 76 -24.12 -13.57 -9.03
N GLY F 77 -24.41 -12.28 -9.22
CA GLY F 77 -25.77 -11.81 -9.23
C GLY F 77 -26.41 -11.64 -7.87
N ALA F 78 -25.66 -11.88 -6.79
CA ALA F 78 -26.23 -11.75 -5.45
C ALA F 78 -26.62 -10.31 -5.15
N SER F 79 -25.79 -9.35 -5.54
CA SER F 79 -26.02 -7.95 -5.25
C SER F 79 -26.53 -7.25 -6.51
N ILE F 80 -27.70 -6.62 -6.40
CA ILE F 80 -28.28 -5.83 -7.47
C ILE F 80 -28.52 -4.43 -6.95
N SER F 81 -28.18 -3.43 -7.73
CA SER F 81 -28.36 -2.05 -7.29
C SER F 81 -28.85 -1.21 -8.45
N TYR F 82 -29.62 -0.17 -8.14
CA TYR F 82 -30.18 0.71 -9.14
C TYR F 82 -30.01 2.15 -8.65
N THR F 83 -30.60 3.07 -9.39
CA THR F 83 -30.65 4.48 -9.02
C THR F 83 -32.08 4.84 -8.62
N GLY F 84 -32.26 6.09 -8.19
CA GLY F 84 -33.56 6.50 -7.68
C GLY F 84 -34.64 6.46 -8.73
N SER F 85 -34.36 6.98 -9.92
CA SER F 85 -35.36 7.10 -10.98
C SER F 85 -35.57 5.81 -11.74
N VAL F 86 -35.09 4.69 -11.21
CA VAL F 86 -35.19 3.40 -11.91
C VAL F 86 -35.71 2.28 -11.02
N LYS F 87 -35.71 2.42 -9.70
CA LYS F 87 -35.93 1.30 -8.80
C LYS F 87 -37.28 0.62 -9.02
N GLY F 88 -38.26 1.34 -9.55
CA GLY F 88 -39.58 0.78 -9.66
C GLY F 88 -39.92 0.18 -11.01
N ARG F 89 -39.13 0.50 -12.03
CA ARG F 89 -39.48 0.11 -13.40
C ARG F 89 -38.50 -0.90 -13.98
N PHE F 90 -37.21 -0.57 -14.04
CA PHE F 90 -36.24 -1.43 -14.69
C PHE F 90 -35.72 -2.49 -13.73
N THR F 91 -35.23 -3.58 -14.31
CA THR F 91 -34.66 -4.68 -13.53
C THR F 91 -33.43 -5.21 -14.23
N ILE F 92 -32.40 -5.52 -13.45
CA ILE F 92 -31.12 -6.01 -13.97
C ILE F 92 -31.01 -7.50 -13.70
N SER F 93 -30.47 -8.24 -14.66
CA SER F 93 -30.23 -9.66 -14.47
C SER F 93 -29.07 -10.09 -15.34
N ARG F 94 -28.52 -11.26 -15.05
CA ARG F 94 -27.41 -11.78 -15.82
C ARG F 94 -27.32 -13.28 -15.60
N ASP F 95 -27.01 -14.00 -16.68
CA ASP F 95 -26.72 -15.42 -16.62
C ASP F 95 -25.28 -15.61 -17.04
N ASN F 96 -24.61 -16.60 -16.45
CA ASN F 96 -23.20 -16.81 -16.71
C ASN F 96 -22.93 -17.90 -17.72
N ALA F 97 -23.80 -18.91 -17.81
CA ALA F 97 -23.62 -19.96 -18.82
C ALA F 97 -23.66 -19.37 -20.22
N LYS F 98 -24.59 -18.46 -20.47
CA LYS F 98 -24.61 -17.67 -21.69
C LYS F 98 -24.09 -16.29 -21.35
N ASN F 99 -23.10 -15.83 -22.10
CA ASN F 99 -22.45 -14.56 -21.79
C ASN F 99 -23.35 -13.39 -22.18
N THR F 100 -24.40 -13.15 -21.40
CA THR F 100 -25.33 -12.07 -21.69
C THR F 100 -25.68 -11.33 -20.41
N LEU F 101 -25.94 -10.03 -20.56
CA LEU F 101 -26.46 -9.18 -19.49
C LEU F 101 -27.80 -8.63 -19.93
N TYR F 102 -28.82 -8.76 -19.08
CA TYR F 102 -30.19 -8.37 -19.42
C TYR F 102 -30.63 -7.20 -18.55
N LEU F 103 -31.35 -6.27 -19.17
CA LEU F 103 -32.08 -5.23 -18.46
C LEU F 103 -33.50 -5.21 -18.99
N GLN F 104 -34.47 -5.54 -18.13
CA GLN F 104 -35.87 -5.52 -18.50
C GLN F 104 -36.45 -4.16 -18.15
N MET F 105 -37.07 -3.52 -19.14
CA MET F 105 -37.62 -2.17 -19.02
C MET F 105 -39.13 -2.26 -19.15
N ASN F 106 -39.85 -1.57 -18.26
CA ASN F 106 -41.29 -1.49 -18.39
C ASN F 106 -41.78 -0.21 -17.75
N SER F 107 -42.98 0.21 -18.15
CA SER F 107 -43.57 1.47 -17.70
C SER F 107 -42.62 2.63 -17.94
N LEU F 108 -42.17 2.75 -19.18
CA LEU F 108 -41.15 3.72 -19.52
C LEU F 108 -41.70 5.14 -19.41
N LYS F 109 -40.79 6.11 -19.54
CA LYS F 109 -41.09 7.52 -19.43
C LYS F 109 -40.37 8.23 -20.56
N PRO F 110 -40.78 9.46 -20.89
CA PRO F 110 -40.07 10.21 -21.94
C PRO F 110 -38.60 10.42 -21.63
N GLU F 111 -38.21 10.47 -20.35
CA GLU F 111 -36.81 10.63 -19.98
C GLU F 111 -35.98 9.40 -20.32
N ASP F 112 -36.61 8.22 -20.43
CA ASP F 112 -35.86 6.99 -20.67
C ASP F 112 -35.25 6.94 -22.05
N THR F 113 -35.78 7.69 -23.02
CA THR F 113 -35.25 7.67 -24.37
C THR F 113 -33.80 8.09 -24.37
N ALA F 114 -32.90 7.17 -24.71
CA ALA F 114 -31.47 7.44 -24.65
C ALA F 114 -30.73 6.33 -25.38
N VAL F 115 -29.45 6.55 -25.60
CA VAL F 115 -28.56 5.48 -26.02
C VAL F 115 -28.18 4.70 -24.77
N TYR F 116 -28.02 3.39 -24.91
CA TYR F 116 -27.66 2.55 -23.79
C TYR F 116 -26.36 1.80 -24.09
N TYR F 117 -25.52 1.68 -23.07
CA TYR F 117 -24.24 0.98 -23.16
C TYR F 117 -24.15 0.01 -22.00
N CYS F 118 -23.78 -1.24 -22.30
CA CYS F 118 -23.47 -2.21 -21.25
C CYS F 118 -21.98 -2.10 -20.94
N ALA F 119 -21.64 -1.88 -19.67
CA ALA F 119 -20.28 -1.59 -19.29
C ALA F 119 -19.74 -2.64 -18.33
N ARG F 120 -18.44 -2.88 -18.43
CA ARG F 120 -17.75 -3.90 -17.64
C ARG F 120 -16.75 -3.20 -16.72
N CYS F 121 -16.77 -3.57 -15.45
CA CYS F 121 -15.86 -2.96 -14.51
C CYS F 121 -14.44 -3.46 -14.78
N PRO F 122 -13.43 -2.59 -14.63
CA PRO F 122 -12.12 -2.89 -15.23
C PRO F 122 -11.47 -4.18 -14.76
N ALA F 123 -11.59 -4.53 -13.49
CA ALA F 123 -10.72 -5.55 -12.95
C ALA F 123 -11.50 -6.76 -12.45
N PRO F 124 -10.99 -7.96 -12.65
CA PRO F 124 -11.69 -9.15 -12.17
C PRO F 124 -11.46 -9.37 -10.68
N PHE F 125 -12.40 -10.07 -10.06
CA PHE F 125 -12.35 -10.40 -8.64
C PHE F 125 -12.24 -9.17 -7.75
N THR F 126 -12.83 -8.06 -8.20
CA THR F 126 -12.85 -6.83 -7.43
C THR F 126 -14.24 -6.23 -7.43
N ARG F 127 -14.59 -5.58 -6.32
CA ARG F 127 -15.85 -4.86 -6.19
C ARG F 127 -15.72 -3.40 -6.54
N ASP F 128 -14.80 -3.08 -7.45
CA ASP F 128 -14.46 -1.70 -7.79
C ASP F 128 -14.83 -1.45 -9.24
N CYS F 129 -15.57 -0.37 -9.49
CA CYS F 129 -16.01 -0.02 -10.83
C CYS F 129 -15.61 1.44 -11.08
N PHE F 130 -14.37 1.63 -11.51
CA PHE F 130 -13.86 2.93 -11.88
C PHE F 130 -14.04 3.16 -13.39
N ASP F 131 -14.36 4.40 -13.74
CA ASP F 131 -14.43 4.85 -15.12
C ASP F 131 -15.51 4.15 -15.93
N VAL F 132 -16.49 3.55 -15.26
CA VAL F 132 -17.58 2.87 -15.97
C VAL F 132 -18.40 3.86 -16.77
N THR F 133 -18.57 5.08 -16.26
CA THR F 133 -19.32 6.12 -16.95
C THR F 133 -18.42 7.14 -17.62
N SER F 134 -17.20 6.77 -17.96
CA SER F 134 -16.23 7.71 -18.50
C SER F 134 -16.61 8.14 -19.91
N THR F 135 -16.06 9.28 -20.33
CA THR F 135 -16.29 9.75 -21.69
C THR F 135 -15.73 8.78 -22.72
N THR F 136 -14.53 8.28 -22.48
CA THR F 136 -13.92 7.24 -23.30
C THR F 136 -13.64 6.03 -22.43
N TYR F 137 -13.98 4.85 -22.91
CA TYR F 137 -13.85 3.63 -22.13
C TYR F 137 -13.65 2.47 -23.07
N ALA F 138 -12.69 1.60 -22.75
CA ALA F 138 -12.38 0.50 -23.65
C ALA F 138 -13.45 -0.58 -23.62
N TYR F 139 -13.91 -0.95 -22.44
CA TYR F 139 -14.79 -2.10 -22.27
C TYR F 139 -16.25 -1.67 -22.17
N ARG F 140 -16.75 -1.12 -23.27
CA ARG F 140 -18.11 -0.62 -23.34
C ARG F 140 -18.75 -1.05 -24.66
N GLY F 141 -20.07 -1.17 -24.66
CA GLY F 141 -20.78 -1.52 -25.86
C GLY F 141 -20.93 -0.34 -26.80
N GLN F 142 -21.32 -0.64 -28.03
CA GLN F 142 -21.52 0.41 -29.03
C GLN F 142 -22.81 1.19 -28.76
N GLY F 143 -23.80 0.56 -28.15
CA GLY F 143 -24.98 1.28 -27.73
C GLY F 143 -26.21 0.85 -28.52
N THR F 144 -27.36 0.92 -27.84
CA THR F 144 -28.66 0.67 -28.47
C THR F 144 -29.58 1.83 -28.13
N GLN F 145 -30.25 2.37 -29.14
CA GLN F 145 -31.14 3.51 -28.95
C GLN F 145 -32.49 3.01 -28.49
N VAL F 146 -33.02 3.64 -27.44
CA VAL F 146 -34.34 3.33 -26.92
C VAL F 146 -35.13 4.63 -26.93
N THR F 147 -36.11 4.72 -27.82
CA THR F 147 -36.92 5.92 -27.97
C THR F 147 -38.33 5.65 -27.44
N VAL F 148 -38.88 6.65 -26.74
CA VAL F 148 -40.22 6.58 -26.21
C VAL F 148 -40.92 7.89 -26.54
N SER F 149 -42.10 7.80 -27.14
CA SER F 149 -42.85 8.98 -27.56
C SER F 149 -43.31 9.80 -26.35
#